data_7PR5
#
_entry.id   7PR5
#
_cell.length_a   67.370
_cell.length_b   129.400
_cell.length_c   130.330
_cell.angle_alpha   90.000
_cell.angle_beta   90.000
_cell.angle_gamma   90.000
#
_symmetry.space_group_name_H-M   'P 21 21 21'
#
loop_
_entity.id
_entity.type
_entity.pdbx_description
1 polymer 'Fucose-binding lectin protein'
2 non-polymer beta-D-fructopyranose
3 non-polymer 'ZINC ION'
4 non-polymer GLYCEROL
5 non-polymer sulfonato-thiacalix[4]arene
6 water water
#
_entity_poly.entity_id   1
_entity_poly.type   'polypeptide(L)'
_entity_poly.pdbx_seq_one_letter_code
;SSVQTAATSWGTVPSIRVYTANHGKITERCWDGKGWYTGAFNEPGDNVSVTSWLVGSAIHIRVYASTGTTTTEWCWDGNG
WTKGAYTATN
;
_entity_poly.pdbx_strand_id   A,B,C,D,E,F,G,H,I,J,K,L
#
loop_
_chem_comp.id
_chem_comp.type
_chem_comp.name
_chem_comp.formula
80M non-polymer sulfonato-thiacalix[4]arene 'C24 H16 O16 S8'
BDF D-saccharide, beta linking beta-D-fructopyranose 'C6 H12 O6'
GOL non-polymer GLYCEROL 'C3 H8 O3'
ZN non-polymer 'ZINC ION' 'Zn 2'
#
# COMPACT_ATOMS: atom_id res chain seq x y z
N SER A 1 1.18 -2.22 8.75
CA SER A 1 -0.25 -2.41 8.96
C SER A 1 -0.53 -2.54 10.46
N SER A 2 -1.71 -2.13 10.91
CA SER A 2 -2.05 -2.30 12.31
C SER A 2 -2.56 -3.72 12.57
N VAL A 3 -2.23 -4.27 13.75
CA VAL A 3 -2.65 -5.62 14.09
C VAL A 3 -4.17 -5.64 14.25
N GLN A 4 -4.77 -6.82 14.28
CA GLN A 4 -6.23 -6.92 14.28
C GLN A 4 -6.58 -7.98 15.33
N THR A 5 -7.60 -7.71 16.16
CA THR A 5 -7.87 -8.57 17.30
C THR A 5 -9.32 -9.05 17.31
N ALA A 6 -9.55 -10.07 18.11
CA ALA A 6 -10.87 -10.62 18.35
C ALA A 6 -10.88 -11.12 19.79
N ALA A 7 -12.00 -10.93 20.46
CA ALA A 7 -12.06 -11.19 21.89
C ALA A 7 -13.32 -11.96 22.20
N THR A 8 -13.24 -12.80 23.23
CA THR A 8 -14.38 -13.54 23.75
C THR A 8 -14.18 -13.71 25.24
N SER A 9 -15.28 -13.93 25.95
CA SER A 9 -15.24 -14.03 27.41
C SER A 9 -16.35 -14.96 27.88
N TRP A 10 -16.17 -15.55 29.06
CA TRP A 10 -17.20 -16.42 29.62
C TRP A 10 -17.16 -16.39 31.14
N GLY A 11 -18.30 -16.68 31.75
CA GLY A 11 -18.39 -16.68 33.20
C GLY A 11 -18.48 -15.28 33.77
N THR A 12 -18.27 -15.19 35.09
CA THR A 12 -18.38 -13.94 35.81
C THR A 12 -17.06 -13.46 36.37
N VAL A 13 -16.03 -14.32 36.39
CA VAL A 13 -14.71 -13.90 36.86
C VAL A 13 -14.18 -12.69 36.12
N PRO A 14 -14.20 -12.64 34.77
CA PRO A 14 -14.47 -13.73 33.84
C PRO A 14 -13.15 -14.30 33.34
N SER A 15 -13.26 -15.28 32.45
CA SER A 15 -12.16 -15.64 31.59
C SER A 15 -12.32 -14.86 30.30
N ILE A 16 -11.18 -14.37 29.77
CA ILE A 16 -11.12 -13.62 28.51
C ILE A 16 -10.03 -14.22 27.64
N ARG A 17 -10.30 -14.34 26.35
CA ARG A 17 -9.28 -14.72 25.36
C ARG A 17 -9.22 -13.63 24.30
N VAL A 18 -8.02 -13.15 24.04
CA VAL A 18 -7.81 -12.12 23.02
C VAL A 18 -6.86 -12.69 21.98
N TYR A 19 -7.31 -12.75 20.73
CA TYR A 19 -6.54 -13.26 19.61
C TYR A 19 -6.06 -12.08 18.77
N THR A 20 -4.78 -12.09 18.42
CA THR A 20 -4.18 -11.00 17.64
C THR A 20 -3.58 -11.57 16.36
N ALA A 21 -4.10 -11.15 15.22
CA ALA A 21 -3.46 -11.36 13.92
C ALA A 21 -2.43 -10.27 13.73
N ASN A 22 -1.15 -10.66 13.68
CA ASN A 22 -0.02 -9.73 13.64
C ASN A 22 0.90 -10.19 12.51
N HIS A 23 0.78 -9.54 11.34
CA HIS A 23 1.62 -9.79 10.16
C HIS A 23 1.72 -11.29 9.83
N GLY A 24 0.55 -11.93 9.72
CA GLY A 24 0.49 -13.31 9.28
C GLY A 24 0.38 -14.34 10.38
N LYS A 25 0.56 -13.96 11.64
CA LYS A 25 0.59 -14.91 12.75
C LYS A 25 -0.49 -14.51 13.76
N ILE A 26 -1.32 -15.47 14.14
CA ILE A 26 -2.33 -15.27 15.18
C ILE A 26 -1.82 -15.89 16.47
N THR A 27 -1.76 -15.10 17.53
CA THR A 27 -1.45 -15.59 18.87
C THR A 27 -2.59 -15.26 19.83
N GLU A 28 -2.50 -15.76 21.07
CA GLU A 28 -3.58 -15.72 22.04
C GLU A 28 -3.08 -15.30 23.42
N ARG A 29 -3.77 -14.32 24.02
CA ARG A 29 -3.51 -13.92 25.40
C ARG A 29 -4.74 -14.21 26.26
N CYS A 30 -4.50 -14.64 27.50
CA CYS A 30 -5.53 -15.24 28.33
C CYS A 30 -5.61 -14.55 29.69
N TRP A 31 -6.84 -14.37 30.15
CA TRP A 31 -7.11 -13.86 31.49
C TRP A 31 -8.10 -14.80 32.15
N ASP A 32 -7.73 -15.32 33.32
CA ASP A 32 -8.64 -16.09 34.16
C ASP A 32 -8.75 -15.44 35.53
N GLY A 33 -8.60 -14.12 35.60
CA GLY A 33 -8.81 -13.40 36.84
C GLY A 33 -7.56 -13.13 37.65
N LYS A 34 -6.39 -13.58 37.18
CA LYS A 34 -5.18 -13.56 37.99
C LYS A 34 -3.96 -13.12 37.18
N GLY A 35 -4.15 -12.32 36.16
CA GLY A 35 -3.02 -11.91 35.33
C GLY A 35 -3.12 -12.47 33.91
N TRP A 36 -2.57 -11.72 32.96
CA TRP A 36 -2.58 -12.11 31.55
C TRP A 36 -1.41 -13.04 31.26
N TYR A 37 -1.67 -14.05 30.43
CA TYR A 37 -0.62 -14.99 30.06
C TYR A 37 -0.85 -15.44 28.63
N THR A 38 0.17 -16.06 28.03
CA THR A 38 0.09 -16.47 26.63
C THR A 38 -0.53 -17.85 26.55
N GLY A 39 -1.52 -18.01 25.61
CA GLY A 39 -2.22 -19.26 25.44
C GLY A 39 -1.58 -20.14 24.37
N ALA A 40 -2.12 -21.35 24.26
CA ALA A 40 -1.54 -22.36 23.38
C ALA A 40 -1.76 -22.02 21.91
N PHE A 41 -2.80 -21.26 21.57
CA PHE A 41 -3.16 -21.07 20.17
C PHE A 41 -2.08 -20.26 19.44
N ASN A 42 -1.62 -20.80 18.31
CA ASN A 42 -0.61 -20.11 17.52
C ASN A 42 -0.70 -20.70 16.12
N GLU A 43 -1.39 -20.00 15.22
CA GLU A 43 -1.62 -20.45 13.86
C GLU A 43 -1.53 -19.27 12.92
N PRO A 44 -1.24 -19.49 11.64
CA PRO A 44 -1.15 -18.38 10.70
C PRO A 44 -2.50 -17.77 10.37
N GLY A 45 -2.46 -16.49 10.02
CA GLY A 45 -3.67 -15.79 9.62
C GLY A 45 -3.49 -14.29 9.55
N ASP A 46 -4.10 -13.66 8.54
CA ASP A 46 -4.11 -12.21 8.40
C ASP A 46 -5.30 -11.56 9.08
N ASN A 47 -6.34 -12.35 9.38
CA ASN A 47 -7.56 -11.84 9.96
C ASN A 47 -8.11 -12.90 10.91
N VAL A 48 -8.75 -12.48 11.98
CA VAL A 48 -9.22 -13.44 12.96
C VAL A 48 -10.57 -13.01 13.53
N SER A 49 -11.46 -13.98 13.75
CA SER A 49 -12.64 -13.76 14.55
C SER A 49 -12.82 -14.97 15.47
N VAL A 50 -13.74 -14.83 16.42
CA VAL A 50 -13.87 -15.84 17.47
C VAL A 50 -15.29 -15.80 18.02
N THR A 51 -15.78 -16.97 18.43
CA THR A 51 -16.98 -17.07 19.23
C THR A 51 -16.76 -18.25 20.17
N SER A 52 -17.47 -18.25 21.28
CA SER A 52 -17.37 -19.33 22.25
C SER A 52 -18.72 -19.52 22.93
N TRP A 53 -18.89 -20.71 23.51
CA TRP A 53 -20.09 -21.03 24.27
C TRP A 53 -19.72 -22.03 25.37
N LEU A 54 -20.56 -22.04 26.40
CA LEU A 54 -20.42 -22.95 27.53
C LEU A 54 -21.41 -24.09 27.39
N VAL A 55 -20.99 -25.28 27.78
CA VAL A 55 -21.89 -26.41 28.01
C VAL A 55 -21.63 -26.80 29.45
N GLY A 56 -22.53 -26.42 30.35
CA GLY A 56 -22.22 -26.54 31.76
C GLY A 56 -21.07 -25.61 32.12
N SER A 57 -20.00 -26.18 32.67
CA SER A 57 -18.83 -25.40 33.05
C SER A 57 -17.70 -25.47 32.03
N ALA A 58 -17.88 -26.19 30.92
CA ALA A 58 -16.83 -26.41 29.93
C ALA A 58 -16.94 -25.41 28.78
N ILE A 59 -15.84 -24.72 28.49
CA ILE A 59 -15.79 -23.74 27.42
C ILE A 59 -15.45 -24.42 26.10
N HIS A 60 -16.12 -23.98 25.04
CA HIS A 60 -15.83 -24.36 23.67
C HIS A 60 -15.57 -23.10 22.87
N ILE A 61 -14.46 -23.07 22.12
CA ILE A 61 -14.02 -21.87 21.39
C ILE A 61 -13.84 -22.23 19.92
N ARG A 62 -14.24 -21.32 19.04
CA ARG A 62 -14.01 -21.43 17.61
C ARG A 62 -13.32 -20.16 17.15
N VAL A 63 -12.16 -20.32 16.53
CA VAL A 63 -11.38 -19.23 15.97
C VAL A 63 -11.39 -19.39 14.45
N TYR A 64 -11.76 -18.33 13.75
CA TYR A 64 -11.79 -18.34 12.29
C TYR A 64 -10.61 -17.53 11.79
N ALA A 65 -9.63 -18.23 11.22
CA ALA A 65 -8.36 -17.65 10.78
C ALA A 65 -8.38 -17.53 9.26
N SER A 66 -8.18 -16.32 8.73
CA SER A 66 -8.26 -16.09 7.30
C SER A 66 -6.94 -15.58 6.73
N THR A 67 -6.52 -16.16 5.62
CA THR A 67 -5.38 -15.75 4.81
C THR A 67 -5.84 -15.77 3.36
N GLY A 68 -5.72 -14.64 2.68
CA GLY A 68 -6.18 -14.58 1.30
C GLY A 68 -7.68 -14.76 1.27
N THR A 69 -8.16 -15.74 0.49
CA THR A 69 -9.58 -16.07 0.51
C THR A 69 -9.85 -17.37 1.25
N THR A 70 -8.91 -17.86 2.04
CA THR A 70 -9.08 -19.13 2.74
C THR A 70 -9.27 -18.90 4.23
N THR A 71 -10.37 -19.41 4.77
CA THR A 71 -10.67 -19.32 6.19
C THR A 71 -10.64 -20.71 6.79
N THR A 72 -9.81 -20.89 7.82
CA THR A 72 -9.71 -22.14 8.56
C THR A 72 -10.29 -21.97 9.96
N GLU A 73 -11.10 -22.92 10.38
CA GLU A 73 -11.68 -22.91 11.73
C GLU A 73 -10.83 -23.75 12.65
N TRP A 74 -10.55 -23.22 13.83
CA TRP A 74 -9.85 -23.94 14.88
C TRP A 74 -10.77 -24.10 16.08
N CYS A 75 -10.73 -25.27 16.69
CA CYS A 75 -11.69 -25.68 17.68
C CYS A 75 -10.97 -26.00 18.99
N TRP A 76 -11.39 -25.35 20.07
CA TRP A 76 -10.99 -25.77 21.40
C TRP A 76 -12.20 -26.38 22.09
N ASP A 77 -12.03 -27.61 22.57
CA ASP A 77 -13.11 -28.29 23.28
C ASP A 77 -12.63 -28.90 24.57
N GLY A 78 -11.69 -28.24 25.23
CA GLY A 78 -11.19 -28.65 26.52
C GLY A 78 -9.85 -29.35 26.50
N ASN A 79 -9.35 -29.75 25.33
CA ASN A 79 -8.24 -30.70 25.28
C ASN A 79 -7.39 -30.49 24.01
N GLY A 80 -7.04 -29.26 23.69
CA GLY A 80 -6.18 -29.00 22.56
C GLY A 80 -6.94 -28.42 21.38
N TRP A 81 -6.21 -27.72 20.53
CA TRP A 81 -6.81 -27.10 19.36
C TRP A 81 -6.77 -28.09 18.21
N THR A 82 -7.84 -28.13 17.44
CA THR A 82 -7.94 -28.99 16.26
C THR A 82 -8.65 -28.24 15.15
N LYS A 83 -8.28 -28.57 13.92
CA LYS A 83 -8.91 -27.95 12.77
C LYS A 83 -10.38 -28.37 12.67
N GLY A 84 -11.25 -27.43 12.29
CA GLY A 84 -12.67 -27.67 12.22
C GLY A 84 -13.17 -27.86 10.80
N ALA A 85 -14.46 -28.20 10.72
CA ALA A 85 -15.10 -28.53 9.46
C ALA A 85 -15.54 -27.32 8.65
N TYR A 86 -15.45 -26.11 9.20
CA TYR A 86 -15.91 -24.93 8.48
C TYR A 86 -15.37 -24.87 7.06
N THR A 87 -16.26 -24.57 6.12
CA THR A 87 -15.92 -24.27 4.74
C THR A 87 -16.73 -23.07 4.29
N ALA A 88 -16.14 -22.28 3.38
CA ALA A 88 -16.81 -21.07 2.93
C ALA A 88 -17.90 -21.33 1.89
N THR A 89 -17.84 -22.43 1.15
CA THR A 89 -18.90 -22.81 0.19
C THR A 89 -18.98 -24.32 0.03
N SER B 1 -10.33 3.59 2.31
CA SER B 1 -10.36 2.65 3.43
C SER B 1 -11.74 2.66 4.10
N SER B 2 -12.28 1.46 4.31
CA SER B 2 -13.56 1.34 4.99
C SER B 2 -13.36 1.35 6.51
N VAL B 3 -14.33 1.93 7.21
CA VAL B 3 -14.26 1.90 8.67
C VAL B 3 -14.39 0.45 9.13
N GLN B 4 -14.06 0.21 10.38
CA GLN B 4 -14.06 -1.14 10.93
C GLN B 4 -14.86 -1.10 12.22
N THR B 5 -15.80 -2.05 12.41
CA THR B 5 -16.66 -2.02 13.59
C THR B 5 -16.53 -3.29 14.40
N ALA B 6 -16.98 -3.20 15.65
CA ALA B 6 -17.13 -4.32 16.56
C ALA B 6 -18.37 -4.07 17.41
N ALA B 7 -19.06 -5.15 17.77
CA ALA B 7 -20.36 -5.01 18.39
C ALA B 7 -20.51 -5.97 19.55
N THR B 8 -21.23 -5.53 20.59
CA THR B 8 -21.56 -6.41 21.70
C THR B 8 -22.99 -6.10 22.15
N SER B 9 -23.60 -7.06 22.85
CA SER B 9 -24.98 -6.91 23.29
C SER B 9 -25.20 -7.71 24.55
N TRP B 10 -26.22 -7.32 25.32
CA TRP B 10 -26.53 -8.01 26.57
C TRP B 10 -28.00 -7.82 26.94
N GLY B 11 -28.53 -8.80 27.66
CA GLY B 11 -29.91 -8.72 28.11
C GLY B 11 -30.88 -9.07 27.01
N THR B 12 -32.15 -8.77 27.24
CA THR B 12 -33.20 -9.12 26.30
C THR B 12 -33.85 -7.93 25.63
N VAL B 13 -33.56 -6.72 26.08
CA VAL B 13 -34.13 -5.54 25.45
C VAL B 13 -33.77 -5.44 23.97
N PRO B 14 -32.49 -5.54 23.55
CA PRO B 14 -31.24 -5.62 24.32
C PRO B 14 -30.61 -4.25 24.46
N SER B 15 -29.49 -4.21 25.18
CA SER B 15 -28.52 -3.14 24.99
C SER B 15 -27.50 -3.58 23.95
N ILE B 16 -27.17 -2.68 23.01
CA ILE B 16 -26.15 -2.92 21.99
C ILE B 16 -25.14 -1.78 22.07
N ARG B 17 -23.86 -2.12 21.93
CA ARG B 17 -22.79 -1.16 21.76
C ARG B 17 -22.03 -1.49 20.48
N VAL B 18 -21.87 -0.50 19.61
CA VAL B 18 -21.13 -0.63 18.34
C VAL B 18 -19.94 0.34 18.38
N TYR B 19 -18.75 -0.20 18.25
CA TYR B 19 -17.52 0.60 18.21
C TYR B 19 -17.09 0.74 16.76
N THR B 20 -16.75 1.94 16.34
CA THR B 20 -16.28 2.16 14.98
C THR B 20 -14.89 2.75 15.03
N ALA B 21 -13.92 2.03 14.45
CA ALA B 21 -12.60 2.59 14.20
C ALA B 21 -12.66 3.30 12.85
N ASN B 22 -12.57 4.63 12.87
CA ASN B 22 -12.72 5.45 11.68
C ASN B 22 -11.43 6.24 11.49
N HIS B 23 -10.58 5.75 10.58
CA HIS B 23 -9.30 6.41 10.25
C HIS B 23 -8.56 6.89 11.48
N GLY B 24 -8.36 5.97 12.43
CA GLY B 24 -7.54 6.22 13.60
C GLY B 24 -8.28 6.57 14.87
N LYS B 25 -9.59 6.81 14.80
CA LYS B 25 -10.36 7.20 15.97
C LYS B 25 -11.50 6.21 16.18
N ILE B 26 -11.66 5.75 17.42
CA ILE B 26 -12.74 4.82 17.78
C ILE B 26 -13.79 5.59 18.57
N THR B 27 -15.01 5.53 18.10
CA THR B 27 -16.17 6.05 18.81
C THR B 27 -17.17 4.93 19.01
N GLU B 28 -18.25 5.25 19.73
CA GLU B 28 -19.17 4.25 20.25
C GLU B 28 -20.60 4.75 20.10
N ARG B 29 -21.47 3.91 19.54
CA ARG B 29 -22.89 4.16 19.49
C ARG B 29 -23.64 3.12 20.33
N CYS B 30 -24.72 3.56 20.96
CA CYS B 30 -25.39 2.81 22.01
C CYS B 30 -26.88 2.71 21.72
N TRP B 31 -27.42 1.51 21.97
CA TRP B 31 -28.85 1.26 21.92
C TRP B 31 -29.22 0.65 23.26
N ASP B 32 -30.20 1.25 23.96
CA ASP B 32 -30.76 0.63 25.16
C ASP B 32 -32.27 0.45 24.99
N GLY B 33 -32.75 0.25 23.77
CA GLY B 33 -34.15 0.00 23.51
C GLY B 33 -34.97 1.18 23.01
N LYS B 34 -34.40 2.38 22.98
CA LYS B 34 -35.21 3.55 22.63
C LYS B 34 -34.37 4.57 21.88
N GLY B 35 -33.64 4.12 20.88
CA GLY B 35 -32.90 5.11 20.11
C GLY B 35 -31.39 5.01 20.27
N TRP B 36 -30.69 5.28 19.18
CA TRP B 36 -29.24 5.27 19.13
C TRP B 36 -28.69 6.60 19.60
N TYR B 37 -27.71 6.54 20.50
CA TYR B 37 -27.03 7.74 20.98
C TYR B 37 -25.52 7.47 21.09
N THR B 38 -24.75 8.55 21.20
CA THR B 38 -23.31 8.45 21.24
C THR B 38 -22.83 8.17 22.66
N GLY B 39 -21.97 7.17 22.81
CA GLY B 39 -21.50 6.76 24.12
C GLY B 39 -20.24 7.49 24.52
N ALA B 40 -19.80 7.22 25.75
CA ALA B 40 -18.67 7.96 26.30
C ALA B 40 -17.32 7.54 25.72
N PHE B 41 -17.23 6.39 25.05
CA PHE B 41 -15.92 5.88 24.63
C PHE B 41 -15.37 6.68 23.45
N ASN B 42 -14.15 7.21 23.62
CA ASN B 42 -13.44 7.96 22.58
C ASN B 42 -11.95 7.67 22.80
N GLU B 43 -11.38 6.77 22.01
CA GLU B 43 -9.94 6.51 22.12
C GLU B 43 -9.35 6.29 20.74
N PRO B 44 -8.04 6.48 20.60
CA PRO B 44 -7.39 6.21 19.32
C PRO B 44 -7.36 4.73 18.98
N GLY B 45 -7.47 4.44 17.68
CA GLY B 45 -7.29 3.09 17.20
C GLY B 45 -7.56 2.91 15.71
N ASP B 46 -6.77 2.07 15.04
CA ASP B 46 -7.08 1.65 13.68
C ASP B 46 -7.96 0.41 13.67
N ASN B 47 -7.93 -0.37 14.74
CA ASN B 47 -8.66 -1.62 14.80
C ASN B 47 -9.32 -1.76 16.17
N VAL B 48 -10.49 -2.39 16.22
CA VAL B 48 -11.20 -2.50 17.50
C VAL B 48 -11.88 -3.86 17.59
N SER B 49 -11.83 -4.47 18.77
CA SER B 49 -12.66 -5.62 19.11
C SER B 49 -13.25 -5.39 20.51
N VAL B 50 -14.28 -6.17 20.88
CA VAL B 50 -14.96 -5.96 22.15
C VAL B 50 -15.47 -7.29 22.68
N THR B 51 -15.52 -7.42 24.01
CA THR B 51 -16.32 -8.46 24.64
C THR B 51 -16.97 -7.87 25.90
N SER B 52 -18.05 -8.49 26.35
CA SER B 52 -18.74 -8.00 27.54
C SER B 52 -19.35 -9.17 28.29
N TRP B 53 -19.60 -8.99 29.58
CA TRP B 53 -20.25 -10.01 30.39
C TRP B 53 -21.05 -9.33 31.49
N LEU B 54 -22.09 -10.01 31.94
CA LEU B 54 -22.95 -9.48 33.00
C LEU B 54 -22.56 -10.12 34.34
N VAL B 55 -22.44 -9.29 35.36
CA VAL B 55 -22.46 -9.76 36.75
C VAL B 55 -23.78 -9.27 37.36
N GLY B 56 -24.74 -10.18 37.49
CA GLY B 56 -26.08 -9.78 37.84
C GLY B 56 -26.66 -8.95 36.73
N SER B 57 -27.07 -7.72 37.03
CA SER B 57 -27.54 -6.80 36.01
C SER B 57 -26.47 -5.76 35.62
N ALA B 58 -25.25 -5.87 36.14
CA ALA B 58 -24.20 -4.90 35.86
C ALA B 58 -23.36 -5.36 34.66
N ILE B 59 -23.23 -4.49 33.66
CA ILE B 59 -22.45 -4.81 32.47
C ILE B 59 -20.98 -4.43 32.69
N HIS B 60 -20.11 -5.31 32.24
CA HIS B 60 -18.67 -5.05 32.16
C HIS B 60 -18.23 -5.23 30.72
N ILE B 61 -17.59 -4.19 30.17
CA ILE B 61 -17.17 -4.18 28.77
C ILE B 61 -15.65 -4.08 28.70
N ARG B 62 -15.06 -4.79 27.76
CA ARG B 62 -13.62 -4.66 27.48
C ARG B 62 -13.44 -4.39 26.00
N VAL B 63 -12.83 -3.25 25.67
CA VAL B 63 -12.58 -2.83 24.30
C VAL B 63 -11.09 -2.94 24.05
N TYR B 64 -10.69 -3.55 22.92
CA TYR B 64 -9.27 -3.74 22.56
C TYR B 64 -9.00 -2.87 21.34
N ALA B 65 -8.26 -1.78 21.55
CA ALA B 65 -7.95 -0.78 20.53
C ALA B 65 -6.50 -0.97 20.06
N SER B 66 -6.30 -1.16 18.76
CA SER B 66 -4.95 -1.41 18.23
C SER B 66 -4.52 -0.33 17.25
N THR B 67 -3.29 0.18 17.43
CA THR B 67 -2.61 1.05 16.48
C THR B 67 -1.21 0.50 16.26
N GLY B 68 -0.83 0.27 15.00
CA GLY B 68 0.47 -0.33 14.76
C GLY B 68 0.48 -1.73 15.33
N THR B 69 1.40 -1.98 16.28
CA THR B 69 1.48 -3.27 16.96
C THR B 69 1.21 -3.13 18.45
N THR B 70 0.52 -2.06 18.83
CA THR B 70 0.22 -1.74 20.22
C THR B 70 -1.29 -1.88 20.42
N THR B 71 -1.69 -2.75 21.36
CA THR B 71 -3.08 -2.96 21.70
C THR B 71 -3.32 -2.49 23.13
N THR B 72 -4.26 -1.58 23.30
CA THR B 72 -4.62 -1.06 24.61
C THR B 72 -6.02 -1.54 24.95
N GLU B 73 -6.19 -2.06 26.17
CA GLU B 73 -7.47 -2.53 26.66
C GLU B 73 -8.14 -1.43 27.48
N TRP B 74 -9.40 -1.18 27.19
CA TRP B 74 -10.20 -0.18 27.90
C TRP B 74 -11.35 -0.90 28.58
N CYS B 75 -11.64 -0.54 29.82
CA CYS B 75 -12.59 -1.25 30.67
C CYS B 75 -13.74 -0.34 31.07
N TRP B 76 -14.97 -0.81 30.86
CA TRP B 76 -16.16 -0.19 31.45
C TRP B 76 -16.69 -1.14 32.51
N ASP B 77 -16.76 -0.64 33.74
CA ASP B 77 -17.31 -1.41 34.85
C ASP B 77 -18.37 -0.60 35.58
N GLY B 78 -19.08 0.25 34.85
CA GLY B 78 -20.25 0.93 35.37
C GLY B 78 -20.08 2.42 35.58
N ASN B 79 -18.85 2.95 35.65
CA ASN B 79 -18.71 4.35 36.08
C ASN B 79 -17.59 5.09 35.37
N GLY B 80 -17.31 4.72 34.12
CA GLY B 80 -16.24 5.40 33.41
C GLY B 80 -15.30 4.42 32.72
N TRP B 81 -14.63 4.85 31.65
CA TRP B 81 -13.67 4.01 30.95
C TRP B 81 -12.29 4.16 31.57
N THR B 82 -11.65 3.02 31.88
CA THR B 82 -10.31 3.01 32.46
C THR B 82 -9.41 2.05 31.71
N LYS B 83 -8.10 2.33 31.71
CA LYS B 83 -7.14 1.47 31.03
C LYS B 83 -6.97 0.15 31.77
N GLY B 84 -7.04 -0.95 31.03
CA GLY B 84 -6.92 -2.26 31.64
C GLY B 84 -5.49 -2.76 31.68
N ALA B 85 -5.32 -3.89 32.36
CA ALA B 85 -3.99 -4.45 32.56
C ALA B 85 -3.48 -5.26 31.36
N TYR B 86 -4.29 -5.44 30.31
CA TYR B 86 -3.86 -6.26 29.18
C TYR B 86 -2.54 -5.77 28.58
N THR B 87 -1.67 -6.72 28.26
CA THR B 87 -0.49 -6.51 27.43
C THR B 87 -0.36 -7.67 26.45
N ALA B 88 0.28 -7.40 25.31
CA ALA B 88 0.48 -8.49 24.34
C ALA B 88 1.59 -9.45 24.74
N THR B 89 2.56 -9.02 25.56
CA THR B 89 3.64 -9.93 26.02
C THR B 89 3.88 -9.83 27.51
N SER C 1 -7.77 -9.05 -1.88
CA SER C 1 -7.09 -8.88 -0.61
C SER C 1 -7.69 -9.86 0.39
N SER C 2 -7.16 -9.91 1.61
CA SER C 2 -7.57 -10.96 2.55
C SER C 2 -8.99 -10.74 3.08
N VAL C 3 -9.78 -11.81 3.10
CA VAL C 3 -11.17 -11.70 3.54
C VAL C 3 -11.23 -11.38 5.04
N GLN C 4 -12.40 -10.94 5.50
CA GLN C 4 -12.59 -10.53 6.90
CA GLN C 4 -12.59 -10.55 6.89
C GLN C 4 -13.85 -11.21 7.41
N THR C 5 -13.75 -11.85 8.59
CA THR C 5 -14.89 -12.57 9.14
C THR C 5 -15.36 -11.99 10.48
N ALA C 6 -16.58 -12.38 10.83
CA ALA C 6 -17.17 -12.11 12.14
C ALA C 6 -18.04 -13.32 12.50
N ALA C 7 -18.04 -13.70 13.76
CA ALA C 7 -18.72 -14.93 14.18
C ALA C 7 -19.56 -14.69 15.42
N THR C 8 -20.65 -15.45 15.52
CA THR C 8 -21.52 -15.44 16.68
C THR C 8 -22.05 -16.85 16.88
N SER C 9 -22.50 -17.14 18.10
CA SER C 9 -23.00 -18.48 18.40
C SER C 9 -24.05 -18.37 19.50
N TRP C 10 -24.93 -19.39 19.56
CA TRP C 10 -25.95 -19.37 20.59
C TRP C 10 -26.38 -20.80 20.94
N GLY C 11 -26.81 -20.96 22.19
CA GLY C 11 -27.25 -22.26 22.67
C GLY C 11 -26.07 -23.15 23.01
N THR C 12 -26.36 -24.44 23.15
CA THR C 12 -25.32 -25.42 23.46
C THR C 12 -25.07 -26.45 22.36
N VAL C 13 -25.86 -26.47 21.30
CA VAL C 13 -25.55 -27.37 20.18
C VAL C 13 -24.14 -27.15 19.65
N PRO C 14 -23.71 -25.92 19.30
CA PRO C 14 -24.43 -24.65 19.25
C PRO C 14 -24.94 -24.41 17.84
N SER C 15 -25.64 -23.31 17.66
CA SER C 15 -25.73 -22.72 16.33
C SER C 15 -24.58 -21.72 16.21
N ILE C 16 -23.99 -21.64 15.01
CA ILE C 16 -22.92 -20.68 14.72
C ILE C 16 -23.27 -20.01 13.40
N ARG C 17 -23.05 -18.69 13.33
CA ARG C 17 -23.12 -17.97 12.08
C ARG C 17 -21.78 -17.27 11.86
N VAL C 18 -21.19 -17.44 10.67
CA VAL C 18 -19.93 -16.81 10.28
C VAL C 18 -20.20 -15.96 9.05
N TYR C 19 -19.90 -14.67 9.17
CA TYR C 19 -20.09 -13.70 8.11
C TYR C 19 -18.74 -13.35 7.51
N THR C 20 -18.67 -13.27 6.19
CA THR C 20 -17.40 -13.02 5.51
C THR C 20 -17.57 -11.85 4.55
N ALA C 21 -16.84 -10.76 4.80
CA ALA C 21 -16.66 -9.70 3.82
C ALA C 21 -15.57 -10.12 2.83
N ASN C 22 -15.94 -10.25 1.56
CA ASN C 22 -15.07 -10.80 0.53
C ASN C 22 -15.22 -9.90 -0.70
N HIS C 23 -14.25 -9.01 -0.91
CA HIS C 23 -14.23 -8.11 -2.08
C HIS C 23 -15.57 -7.40 -2.26
N GLY C 24 -16.03 -6.76 -1.19
CA GLY C 24 -17.20 -5.93 -1.26
C GLY C 24 -18.52 -6.62 -1.00
N LYS C 25 -18.52 -7.93 -0.76
CA LYS C 25 -19.78 -8.63 -0.53
C LYS C 25 -19.66 -9.45 0.74
N ILE C 26 -20.72 -9.40 1.56
CA ILE C 26 -20.79 -10.18 2.79
C ILE C 26 -21.77 -11.33 2.61
N THR C 27 -21.31 -12.54 2.89
CA THR C 27 -22.13 -13.73 2.85
C THR C 27 -22.07 -14.41 4.21
N GLU C 28 -22.89 -15.46 4.36
CA GLU C 28 -23.14 -16.06 5.67
C GLU C 28 -23.08 -17.58 5.55
N ARG C 29 -22.36 -18.22 6.45
CA ARG C 29 -22.36 -19.68 6.56
C ARG C 29 -22.88 -20.09 7.93
N CYS C 30 -23.57 -21.23 7.98
CA CYS C 30 -24.36 -21.59 9.14
C CYS C 30 -24.03 -23.00 9.61
N TRP C 31 -24.03 -23.18 10.92
CA TRP C 31 -23.90 -24.48 11.56
C TRP C 31 -24.97 -24.60 12.63
N ASP C 32 -25.78 -25.65 12.53
CA ASP C 32 -26.80 -25.93 13.53
C ASP C 32 -26.60 -27.34 14.09
N GLY C 33 -25.36 -27.82 14.07
CA GLY C 33 -25.02 -29.10 14.66
C GLY C 33 -24.89 -30.27 13.69
N LYS C 34 -25.10 -30.07 12.39
CA LYS C 34 -25.12 -31.21 11.48
C LYS C 34 -24.67 -30.81 10.07
N GLY C 35 -23.63 -29.97 9.98
CA GLY C 35 -23.07 -29.57 8.69
C GLY C 35 -23.15 -28.08 8.40
N TRP C 36 -22.17 -27.54 7.69
CA TRP C 36 -22.19 -26.13 7.30
C TRP C 36 -23.01 -25.94 6.04
N TYR C 37 -23.84 -24.90 6.03
CA TYR C 37 -24.61 -24.53 4.85
C TYR C 37 -24.67 -23.02 4.71
N THR C 38 -25.01 -22.58 3.50
CA THR C 38 -25.06 -21.17 3.18
C THR C 38 -26.35 -20.55 3.67
N GLY C 39 -26.24 -19.42 4.38
CA GLY C 39 -27.40 -18.72 4.89
C GLY C 39 -27.91 -17.70 3.90
N ALA C 40 -29.02 -17.09 4.28
CA ALA C 40 -29.73 -16.16 3.40
C ALA C 40 -29.07 -14.79 3.33
N PHE C 41 -28.23 -14.43 4.30
CA PHE C 41 -27.73 -13.05 4.33
C PHE C 41 -26.75 -12.81 3.20
N ASN C 42 -26.96 -11.73 2.45
CA ASN C 42 -26.10 -11.39 1.32
C ASN C 42 -26.28 -9.90 1.06
N GLU C 43 -25.33 -9.09 1.52
CA GLU C 43 -25.43 -7.65 1.37
C GLU C 43 -24.05 -7.07 1.10
N PRO C 44 -23.97 -5.88 0.50
CA PRO C 44 -22.65 -5.30 0.23
C PRO C 44 -21.92 -4.88 1.50
N GLY C 45 -20.60 -4.97 1.45
CA GLY C 45 -19.77 -4.51 2.55
C GLY C 45 -18.31 -4.92 2.41
N ASP C 46 -17.40 -4.03 2.80
CA ASP C 46 -15.98 -4.31 2.97
C ASP C 46 -15.62 -4.79 4.37
N ASN C 47 -16.46 -4.51 5.36
CA ASN C 47 -16.18 -4.86 6.74
C ASN C 47 -17.46 -5.33 7.39
N VAL C 48 -17.34 -6.26 8.33
CA VAL C 48 -18.52 -6.81 9.01
C VAL C 48 -18.21 -7.08 10.47
N SER C 49 -19.17 -6.75 11.34
CA SER C 49 -19.22 -7.22 12.72
C SER C 49 -20.62 -7.75 13.01
N VAL C 50 -20.75 -8.53 14.08
CA VAL C 50 -22.04 -9.14 14.41
C VAL C 50 -22.19 -9.26 15.92
N THR C 51 -23.45 -9.19 16.38
CA THR C 51 -23.75 -9.58 17.75
C THR C 51 -25.13 -10.23 17.72
N SER C 52 -25.37 -11.14 18.65
CA SER C 52 -26.67 -11.83 18.73
C SER C 52 -27.03 -12.03 20.18
N TRP C 53 -28.33 -12.25 20.43
CA TRP C 53 -28.85 -12.48 21.79
C TRP C 53 -30.12 -13.32 21.69
N LEU C 54 -30.39 -14.08 22.73
CA LEU C 54 -31.60 -14.88 22.81
C LEU C 54 -32.67 -14.14 23.59
N VAL C 55 -33.91 -14.25 23.12
CA VAL C 55 -35.11 -13.92 23.89
C VAL C 55 -35.85 -15.25 24.02
N GLY C 56 -35.71 -15.91 25.16
CA GLY C 56 -36.18 -17.27 25.28
C GLY C 56 -35.32 -18.17 24.41
N SER C 57 -35.96 -18.82 23.43
CA SER C 57 -35.26 -19.67 22.47
C SER C 57 -35.17 -19.04 21.08
N ALA C 58 -35.69 -17.83 20.89
CA ALA C 58 -35.64 -17.13 19.61
C ALA C 58 -34.40 -16.26 19.55
N ILE C 59 -33.61 -16.44 18.49
CA ILE C 59 -32.34 -15.73 18.30
C ILE C 59 -32.62 -14.42 17.58
N HIS C 60 -31.89 -13.36 17.95
CA HIS C 60 -31.91 -12.10 17.24
C HIS C 60 -30.48 -11.75 16.86
N ILE C 61 -30.25 -11.35 15.62
CA ILE C 61 -28.90 -11.11 15.10
C ILE C 61 -28.86 -9.69 14.54
N ARG C 62 -27.77 -8.98 14.83
CA ARG C 62 -27.50 -7.70 14.18
C ARG C 62 -26.15 -7.81 13.50
N VAL C 63 -26.14 -7.53 12.20
CA VAL C 63 -24.93 -7.51 11.39
C VAL C 63 -24.69 -6.07 10.99
N TYR C 64 -23.47 -5.57 11.21
CA TYR C 64 -23.10 -4.20 10.84
C TYR C 64 -22.16 -4.26 9.63
N ALA C 65 -22.65 -3.78 8.49
CA ALA C 65 -21.93 -3.79 7.22
C ALA C 65 -21.40 -2.39 6.92
N SER C 66 -20.09 -2.29 6.68
CA SER C 66 -19.49 -0.98 6.44
C SER C 66 -18.84 -0.94 5.07
N THR C 67 -19.10 0.15 4.34
CA THR C 67 -18.44 0.48 3.09
C THR C 67 -18.03 1.95 3.15
N GLY C 68 -16.75 2.22 2.93
CA GLY C 68 -16.28 3.58 3.06
C GLY C 68 -16.45 4.02 4.50
N THR C 69 -17.17 5.14 4.70
CA THR C 69 -17.53 5.59 6.04
C THR C 69 -18.99 5.30 6.39
N THR C 70 -19.68 4.48 5.60
CA THR C 70 -21.11 4.24 5.76
C THR C 70 -21.32 2.86 6.35
N THR C 71 -22.00 2.79 7.49
CA THR C 71 -22.30 1.53 8.16
C THR C 71 -23.81 1.31 8.15
N THR C 72 -24.24 0.14 7.70
CA THR C 72 -25.64 -0.23 7.63
C THR C 72 -25.89 -1.40 8.57
N GLU C 73 -26.94 -1.31 9.36
CA GLU C 73 -27.34 -2.38 10.28
C GLU C 73 -28.39 -3.27 9.63
N TRP C 74 -28.17 -4.57 9.72
CA TRP C 74 -29.11 -5.55 9.22
C TRP C 74 -29.62 -6.35 10.41
N CYS C 75 -30.93 -6.61 10.42
CA CYS C 75 -31.58 -7.21 11.58
C CYS C 75 -32.23 -8.53 11.21
N TRP C 76 -31.94 -9.55 12.00
CA TRP C 76 -32.63 -10.83 11.91
C TRP C 76 -33.39 -11.04 13.20
N ASP C 77 -34.71 -11.12 13.09
CA ASP C 77 -35.58 -11.30 14.24
C ASP C 77 -36.43 -12.55 14.07
N GLY C 78 -35.89 -13.57 13.39
CA GLY C 78 -36.51 -14.86 13.28
C GLY C 78 -37.26 -15.11 11.99
N ASN C 79 -37.59 -14.07 11.22
CA ASN C 79 -38.45 -14.25 10.06
C ASN C 79 -37.96 -13.53 8.82
N GLY C 80 -36.77 -12.94 8.83
CA GLY C 80 -36.27 -12.24 7.66
C GLY C 80 -35.28 -11.18 8.06
N TRP C 81 -34.39 -10.85 7.11
CA TRP C 81 -33.39 -9.81 7.28
C TRP C 81 -33.96 -8.46 6.87
N THR C 82 -33.77 -7.47 7.73
CA THR C 82 -34.32 -6.14 7.50
C THR C 82 -33.32 -5.09 7.93
N LYS C 83 -33.43 -3.91 7.33
CA LYS C 83 -32.52 -2.81 7.65
C LYS C 83 -32.91 -2.17 8.98
N GLY C 84 -31.90 -1.89 9.81
CA GLY C 84 -32.13 -1.40 11.15
C GLY C 84 -32.07 0.11 11.26
N ALA C 85 -32.35 0.60 12.47
CA ALA C 85 -32.35 2.02 12.73
C ALA C 85 -30.96 2.58 13.04
N TYR C 86 -29.93 1.74 13.12
CA TYR C 86 -28.59 2.21 13.45
C TYR C 86 -28.17 3.36 12.56
N THR C 87 -27.64 4.41 13.17
CA THR C 87 -26.97 5.50 12.47
C THR C 87 -25.65 5.76 13.16
N ALA C 88 -24.65 6.22 12.39
CA ALA C 88 -23.30 6.36 12.94
C ALA C 88 -23.13 7.60 13.82
N THR C 89 -23.97 8.61 13.68
CA THR C 89 -23.77 9.79 14.51
C THR C 89 -25.11 10.55 14.71
N SER D 1 7.83 -2.45 -4.86
CA SER D 1 8.79 -1.93 -3.89
C SER D 1 10.22 -2.13 -4.37
N SER D 2 11.13 -1.36 -3.78
CA SER D 2 12.52 -1.45 -4.16
C SER D 2 13.23 -2.48 -3.28
N VAL D 3 14.26 -3.13 -3.82
CA VAL D 3 15.03 -4.04 -2.96
C VAL D 3 15.72 -3.22 -1.88
N GLN D 4 16.20 -3.89 -0.85
CA GLN D 4 16.80 -3.19 0.28
C GLN D 4 18.14 -3.84 0.58
N THR D 5 19.20 -3.04 0.72
CA THR D 5 20.53 -3.63 0.89
C THR D 5 21.16 -3.24 2.23
N ALA D 6 22.13 -4.04 2.65
CA ALA D 6 22.99 -3.75 3.80
C ALA D 6 24.40 -4.15 3.44
N ALA D 7 25.38 -3.36 3.85
CA ALA D 7 26.75 -3.61 3.41
C ALA D 7 27.70 -3.56 4.59
N THR D 8 28.78 -4.34 4.50
CA THR D 8 29.84 -4.33 5.50
C THR D 8 31.15 -4.62 4.79
N SER D 9 32.25 -4.22 5.42
CA SER D 9 33.57 -4.42 4.81
C SER D 9 34.59 -4.58 5.92
N TRP D 10 35.74 -5.15 5.57
CA TRP D 10 36.81 -5.28 6.56
C TRP D 10 38.17 -5.36 5.87
N GLY D 11 39.19 -4.96 6.63
CA GLY D 11 40.55 -5.06 6.13
C GLY D 11 40.86 -3.94 5.15
N THR D 12 41.90 -4.15 4.37
CA THR D 12 42.33 -3.09 3.48
C THR D 12 42.27 -3.46 2.01
N VAL D 13 41.95 -4.71 1.67
CA VAL D 13 41.78 -5.06 0.26
C VAL D 13 40.68 -4.23 -0.39
N PRO D 14 39.47 -4.10 0.17
CA PRO D 14 38.93 -4.80 1.34
C PRO D 14 38.14 -6.00 0.92
N SER D 15 37.63 -6.72 1.90
CA SER D 15 36.51 -7.61 1.67
C SER D 15 35.22 -6.84 1.91
N ILE D 16 34.26 -6.99 1.00
CA ILE D 16 32.92 -6.40 1.14
C ILE D 16 31.89 -7.52 1.07
N ARG D 17 30.86 -7.42 1.91
CA ARG D 17 29.66 -8.23 1.76
C ARG D 17 28.45 -7.31 1.63
N VAL D 18 27.60 -7.59 0.63
CA VAL D 18 26.37 -6.83 0.39
C VAL D 18 25.20 -7.81 0.45
N TYR D 19 24.29 -7.56 1.37
CA TYR D 19 23.08 -8.38 1.51
C TYR D 19 21.92 -7.64 0.88
N THR D 20 21.13 -8.35 0.08
CA THR D 20 19.98 -7.76 -0.59
C THR D 20 18.74 -8.51 -0.17
N ALA D 21 17.79 -7.79 0.43
CA ALA D 21 16.46 -8.31 0.69
C ALA D 21 15.63 -7.99 -0.55
N ASN D 22 15.29 -9.01 -1.32
CA ASN D 22 14.55 -8.84 -2.57
C ASN D 22 13.21 -9.55 -2.41
N HIS D 23 12.17 -8.78 -2.05
CA HIS D 23 10.80 -9.28 -1.93
C HIS D 23 10.73 -10.62 -1.19
N GLY D 24 11.29 -10.65 0.03
CA GLY D 24 11.19 -11.80 0.91
C GLY D 24 12.41 -12.70 0.97
N LYS D 25 13.38 -12.53 0.09
CA LYS D 25 14.55 -13.40 0.00
C LYS D 25 15.81 -12.58 0.18
N ILE D 26 16.68 -12.97 1.11
CA ILE D 26 17.96 -12.28 1.30
C ILE D 26 19.06 -13.13 0.69
N THR D 27 19.86 -12.51 -0.20
CA THR D 27 21.04 -13.14 -0.76
C THR D 27 22.26 -12.27 -0.49
N GLU D 28 23.42 -12.86 -0.74
CA GLU D 28 24.70 -12.26 -0.35
C GLU D 28 25.66 -12.26 -1.53
N ARG D 29 26.26 -11.10 -1.80
CA ARG D 29 27.29 -10.93 -2.81
C ARG D 29 28.57 -10.51 -2.12
N CYS D 30 29.71 -11.03 -2.61
CA CYS D 30 31.00 -10.94 -1.94
C CYS D 30 32.08 -10.41 -2.87
N TRP D 31 32.96 -9.59 -2.30
CA TRP D 31 34.13 -9.05 -2.95
C TRP D 31 35.31 -9.27 -2.02
N ASP D 32 36.36 -9.91 -2.54
CA ASP D 32 37.61 -10.06 -1.82
C ASP D 32 38.78 -9.55 -2.67
N GLY D 33 38.53 -8.56 -3.51
CA GLY D 33 39.56 -7.92 -4.28
C GLY D 33 39.68 -8.36 -5.73
N LYS D 34 38.97 -9.41 -6.12
CA LYS D 34 39.10 -9.93 -7.48
C LYS D 34 37.79 -10.54 -8.01
N GLY D 35 36.75 -9.73 -8.06
CA GLY D 35 35.51 -10.15 -8.68
C GLY D 35 34.42 -10.44 -7.68
N TRP D 36 33.20 -10.09 -8.06
CA TRP D 36 32.02 -10.32 -7.23
C TRP D 36 31.51 -11.73 -7.43
N TYR D 37 31.17 -12.40 -6.33
CA TYR D 37 30.63 -13.75 -6.40
C TYR D 37 29.53 -13.89 -5.36
N THR D 38 28.71 -14.93 -5.50
CA THR D 38 27.57 -15.15 -4.62
C THR D 38 28.03 -15.92 -3.38
N GLY D 39 27.74 -15.37 -2.21
CA GLY D 39 28.11 -16.03 -0.97
C GLY D 39 27.11 -17.11 -0.56
N ALA D 40 27.46 -17.80 0.52
CA ALA D 40 26.61 -18.87 1.03
C ALA D 40 25.31 -18.38 1.66
N PHE D 41 25.24 -17.13 2.16
CA PHE D 41 24.07 -16.72 2.93
C PHE D 41 22.82 -16.67 2.06
N ASN D 42 21.76 -17.32 2.52
CA ASN D 42 20.55 -17.41 1.73
C ASN D 42 19.40 -17.70 2.71
N GLU D 43 18.68 -16.66 3.15
CA GLU D 43 17.62 -16.83 4.15
C GLU D 43 16.48 -15.88 3.86
N PRO D 44 15.26 -16.22 4.31
CA PRO D 44 14.11 -15.32 4.08
C PRO D 44 14.25 -14.01 4.84
N GLY D 45 13.72 -12.95 4.23
CA GLY D 45 13.69 -11.67 4.90
C GLY D 45 13.14 -10.56 4.03
N ASP D 46 12.38 -9.67 4.63
CA ASP D 46 11.91 -8.44 4.00
C ASP D 46 12.85 -7.28 4.23
N ASN D 47 13.60 -7.33 5.32
CA ASN D 47 14.51 -6.27 5.73
C ASN D 47 15.79 -6.93 6.23
N VAL D 48 16.92 -6.25 6.04
CA VAL D 48 18.20 -6.83 6.42
C VAL D 48 19.13 -5.73 6.95
N SER D 49 19.82 -6.03 8.06
CA SER D 49 20.94 -5.21 8.51
C SER D 49 22.11 -6.12 8.81
N VAL D 50 23.30 -5.55 8.89
CA VAL D 50 24.49 -6.36 9.13
C VAL D 50 25.52 -5.55 9.90
N THR D 51 26.32 -6.25 10.71
CA THR D 51 27.52 -5.65 11.29
C THR D 51 28.61 -6.73 11.31
N SER D 52 29.88 -6.31 11.32
CA SER D 52 30.97 -7.27 11.38
C SER D 52 32.11 -6.70 12.19
N TRP D 53 32.99 -7.58 12.64
CA TRP D 53 34.19 -7.19 13.37
C TRP D 53 35.26 -8.24 13.16
N LEU D 54 36.51 -7.81 13.31
CA LEU D 54 37.65 -8.71 13.22
C LEU D 54 38.09 -9.17 14.61
N VAL D 55 38.62 -10.39 14.66
CA VAL D 55 39.35 -10.88 15.82
C VAL D 55 40.66 -11.42 15.25
N GLY D 56 41.73 -10.65 15.41
CA GLY D 56 42.91 -10.92 14.61
C GLY D 56 42.54 -10.75 13.15
N SER D 57 42.76 -11.80 12.36
CA SER D 57 42.38 -11.77 10.95
C SER D 57 41.12 -12.56 10.66
N ALA D 58 40.42 -13.04 11.69
CA ALA D 58 39.20 -13.81 11.52
C ALA D 58 37.99 -12.88 11.56
N ILE D 59 37.13 -12.97 10.52
CA ILE D 59 35.97 -12.09 10.40
C ILE D 59 34.76 -12.74 11.04
N HIS D 60 33.97 -11.92 11.74
CA HIS D 60 32.75 -12.35 12.38
C HIS D 60 31.63 -11.42 11.90
N ILE D 61 30.56 -12.01 11.36
CA ILE D 61 29.47 -11.27 10.75
C ILE D 61 28.18 -11.62 11.47
N ARG D 62 27.34 -10.60 11.68
CA ARG D 62 26.00 -10.80 12.20
C ARG D 62 25.02 -10.13 11.24
N VAL D 63 24.07 -10.91 10.74
CA VAL D 63 23.04 -10.45 9.81
C VAL D 63 21.70 -10.52 10.54
N TYR D 64 20.95 -9.42 10.54
CA TYR D 64 19.64 -9.35 11.18
C TYR D 64 18.57 -9.32 10.08
N ALA D 65 17.79 -10.39 10.01
CA ALA D 65 16.83 -10.60 8.94
C ALA D 65 15.43 -10.53 9.53
N SER D 66 14.59 -9.66 8.98
CA SER D 66 13.27 -9.38 9.55
C SER D 66 12.17 -9.65 8.55
N THR D 67 11.14 -10.36 9.03
CA THR D 67 9.90 -10.59 8.31
C THR D 67 8.75 -10.31 9.27
N GLY D 68 7.82 -9.46 8.86
CA GLY D 68 6.76 -9.06 9.78
C GLY D 68 7.35 -8.34 10.97
N THR D 69 7.10 -8.85 12.18
CA THR D 69 7.72 -8.34 13.40
C THR D 69 8.70 -9.32 14.00
N THR D 70 9.21 -10.25 13.20
CA THR D 70 10.11 -11.29 13.68
C THR D 70 11.51 -11.09 13.08
N THR D 71 12.49 -10.90 13.94
CA THR D 71 13.88 -10.69 13.53
C THR D 71 14.73 -11.87 13.98
N THR D 72 15.42 -12.49 13.03
CA THR D 72 16.34 -13.60 13.27
C THR D 72 17.77 -13.15 13.06
N GLU D 73 18.64 -13.45 14.02
CA GLU D 73 20.07 -13.18 13.87
C GLU D 73 20.79 -14.38 13.25
N TRP D 74 21.61 -14.11 12.24
CA TRP D 74 22.41 -15.12 11.57
C TRP D 74 23.89 -14.83 11.80
N CYS D 75 24.66 -15.87 12.13
CA CYS D 75 26.02 -15.71 12.60
C CYS D 75 27.01 -16.38 11.68
N TRP D 76 28.02 -15.64 11.24
CA TRP D 76 29.15 -16.22 10.56
C TRP D 76 30.35 -16.11 11.50
N ASP D 77 30.97 -17.23 11.80
CA ASP D 77 32.16 -17.20 12.65
C ASP D 77 33.30 -17.98 12.00
N GLY D 78 33.34 -17.96 10.68
CA GLY D 78 34.40 -18.60 9.93
C GLY D 78 34.09 -20.00 9.46
N ASN D 79 33.04 -20.64 9.99
CA ASN D 79 32.74 -22.04 9.68
C ASN D 79 31.24 -22.28 9.50
N GLY D 80 30.56 -21.40 8.78
CA GLY D 80 29.16 -21.62 8.45
C GLY D 80 28.24 -20.66 9.16
N TRP D 81 27.02 -20.54 8.63
CA TRP D 81 26.02 -19.63 9.15
C TRP D 81 25.16 -20.37 10.18
N THR D 82 25.07 -19.82 11.38
CA THR D 82 24.25 -20.41 12.42
C THR D 82 23.28 -19.38 12.96
N LYS D 83 22.11 -19.85 13.40
CA LYS D 83 21.16 -18.97 14.05
C LYS D 83 21.70 -18.52 15.40
N GLY D 84 21.61 -17.21 15.68
CA GLY D 84 22.17 -16.64 16.89
C GLY D 84 21.13 -16.44 17.99
N ALA D 85 21.63 -16.07 19.16
CA ALA D 85 20.79 -15.98 20.35
C ALA D 85 19.83 -14.78 20.33
N TYR D 86 20.02 -13.81 19.44
CA TYR D 86 19.26 -12.57 19.48
C TYR D 86 17.76 -12.81 19.58
N THR D 87 17.12 -12.07 20.48
CA THR D 87 15.66 -11.94 20.48
C THR D 87 15.29 -10.48 20.65
N ALA D 88 14.09 -10.14 20.15
CA ALA D 88 13.68 -8.74 20.16
C ALA D 88 13.12 -8.32 21.52
N THR D 89 12.45 -9.23 22.22
CA THR D 89 11.97 -8.98 23.58
C THR D 89 12.59 -10.00 24.56
N SER E 1 6.26 8.61 0.99
CA SER E 1 6.69 7.62 1.97
C SER E 1 7.81 8.23 2.84
N SER E 2 8.25 7.48 3.84
CA SER E 2 9.28 7.97 4.75
C SER E 2 10.66 7.83 4.13
N VAL E 3 11.52 8.82 4.37
CA VAL E 3 12.87 8.74 3.85
C VAL E 3 13.61 7.59 4.50
N GLN E 4 14.74 7.20 3.92
CA GLN E 4 15.52 6.06 4.36
C GLN E 4 16.97 6.50 4.37
N THR E 5 17.69 6.25 5.46
CA THR E 5 19.04 6.76 5.62
C THR E 5 20.04 5.64 5.83
N ALA E 6 21.30 5.95 5.58
CA ALA E 6 22.42 5.07 5.88
C ALA E 6 23.56 5.94 6.33
N ALA E 7 24.34 5.47 7.31
CA ALA E 7 25.38 6.30 7.88
C ALA E 7 26.67 5.51 7.96
N THR E 8 27.80 6.22 7.81
CA THR E 8 29.10 5.64 8.07
C THR E 8 29.97 6.71 8.73
N SER E 9 31.07 6.28 9.34
CA SER E 9 31.93 7.22 10.07
C SER E 9 33.35 6.68 10.12
N TRP E 10 34.30 7.57 10.37
CA TRP E 10 35.68 7.09 10.44
C TRP E 10 36.51 8.04 11.29
N GLY E 11 37.60 7.49 11.84
CA GLY E 11 38.50 8.26 12.68
C GLY E 11 37.89 8.52 14.04
N THR E 12 38.47 9.50 14.73
CA THR E 12 38.05 9.85 16.08
C THR E 12 37.52 11.26 16.20
N VAL E 13 37.60 12.06 15.15
CA VAL E 13 36.96 13.39 15.18
C VAL E 13 35.47 13.28 15.52
N PRO E 14 34.65 12.44 14.86
CA PRO E 14 34.91 11.61 13.68
C PRO E 14 34.51 12.35 12.42
N SER E 15 34.73 11.74 11.27
CA SER E 15 34.02 12.15 10.08
C SER E 15 32.78 11.27 9.98
N ILE E 16 31.64 11.87 9.61
CA ILE E 16 30.39 11.13 9.40
C ILE E 16 29.83 11.50 8.03
N ARG E 17 29.27 10.50 7.35
CA ARG E 17 28.50 10.72 6.14
C ARG E 17 27.14 10.07 6.32
N VAL E 18 26.07 10.83 6.03
CA VAL E 18 24.71 10.33 6.10
C VAL E 18 24.08 10.45 4.72
N TYR E 19 23.63 9.32 4.17
CA TYR E 19 22.98 9.27 2.86
C TYR E 19 21.49 9.15 3.08
N THR E 20 20.71 9.95 2.36
CA THR E 20 19.25 9.92 2.48
C THR E 20 18.62 9.65 1.12
N ALA E 21 17.91 8.54 1.02
CA ALA E 21 17.04 8.30 -0.13
C ALA E 21 15.70 8.97 0.16
N ASN E 22 15.31 9.91 -0.69
CA ASN E 22 14.07 10.68 -0.49
C ASN E 22 13.37 10.74 -1.84
N HIS E 23 12.33 9.92 -1.99
CA HIS E 23 11.49 9.90 -3.19
C HIS E 23 12.31 9.87 -4.48
N GLY E 24 13.20 8.88 -4.55
CA GLY E 24 13.93 8.60 -5.76
C GLY E 24 15.28 9.26 -5.89
N LYS E 25 15.67 10.14 -4.96
CA LYS E 25 16.98 10.79 -5.00
C LYS E 25 17.75 10.54 -3.70
N ILE E 26 19.03 10.22 -3.82
CA ILE E 26 19.92 10.02 -2.69
C ILE E 26 20.88 11.22 -2.63
N THR E 27 20.87 11.92 -1.50
CA THR E 27 21.79 13.01 -1.22
C THR E 27 22.59 12.70 0.04
N GLU E 28 23.61 13.51 0.30
CA GLU E 28 24.64 13.19 1.28
C GLU E 28 24.90 14.41 2.15
N ARG E 29 24.94 14.21 3.47
CA ARG E 29 25.32 15.26 4.39
C ARG E 29 26.55 14.82 5.15
N CYS E 30 27.41 15.78 5.47
CA CYS E 30 28.75 15.50 5.94
C CYS E 30 29.05 16.26 7.21
N TRP E 31 29.80 15.62 8.08
CA TRP E 31 30.31 16.18 9.32
C TRP E 31 31.79 15.84 9.41
N ASP E 32 32.63 16.85 9.61
CA ASP E 32 34.05 16.62 9.84
C ASP E 32 34.50 17.31 11.12
N GLY E 33 33.56 17.54 12.05
CA GLY E 33 33.87 18.13 13.33
C GLY E 33 33.46 19.58 13.51
N LYS E 34 32.94 20.23 12.45
CA LYS E 34 32.79 21.67 12.39
C LYS E 34 31.45 22.10 11.79
N GLY E 35 30.40 21.30 11.95
CA GLY E 35 29.17 21.69 11.32
C GLY E 35 28.80 20.75 10.17
N TRP E 36 27.50 20.66 9.91
CA TRP E 36 26.99 19.82 8.83
C TRP E 36 26.98 20.60 7.52
N TYR E 37 27.39 19.94 6.43
CA TYR E 37 27.32 20.52 5.10
C TYR E 37 26.91 19.45 4.09
N THR E 38 26.57 19.89 2.88
CA THR E 38 26.08 19.01 1.83
C THR E 38 27.25 18.42 1.04
N GLY E 39 27.31 17.08 0.94
CA GLY E 39 28.35 16.44 0.17
C GLY E 39 28.03 16.41 -1.31
N ALA E 40 29.02 15.95 -2.08
CA ALA E 40 28.91 15.95 -3.52
C ALA E 40 28.03 14.84 -4.06
N PHE E 41 27.74 13.79 -3.29
CA PHE E 41 27.03 12.64 -3.84
C PHE E 41 25.57 12.97 -4.08
N ASN E 42 25.11 12.71 -5.30
CA ASN E 42 23.72 13.02 -5.67
C ASN E 42 23.33 12.11 -6.84
N GLU E 43 22.69 10.99 -6.54
CA GLU E 43 22.39 10.00 -7.57
C GLU E 43 21.01 9.41 -7.34
N PRO E 44 20.40 8.81 -8.36
CA PRO E 44 19.06 8.23 -8.20
C PRO E 44 19.05 7.01 -7.28
N GLY E 45 17.98 6.90 -6.51
CA GLY E 45 17.76 5.69 -5.74
C GLY E 45 16.59 5.78 -4.80
N ASP E 46 15.94 4.65 -4.55
CA ASP E 46 14.89 4.53 -3.55
C ASP E 46 15.38 3.91 -2.25
N ASN E 47 16.57 3.31 -2.25
CA ASN E 47 17.09 2.64 -1.08
C ASN E 47 18.60 2.81 -1.09
N VAL E 48 19.20 2.93 0.08
CA VAL E 48 20.64 3.21 0.14
C VAL E 48 21.27 2.42 1.29
N SER E 49 22.47 1.89 1.03
CA SER E 49 23.32 1.39 2.09
C SER E 49 24.73 1.90 1.83
N VAL E 50 25.58 1.85 2.85
CA VAL E 50 26.94 2.37 2.73
C VAL E 50 27.87 1.51 3.58
N THR E 51 29.12 1.39 3.13
CA THR E 51 30.20 0.95 4.00
C THR E 51 31.43 1.74 3.60
N SER E 52 32.37 1.86 4.54
CA SER E 52 33.61 2.58 4.26
C SER E 52 34.75 1.94 5.04
N TRP E 53 35.98 2.17 4.57
CA TRP E 53 37.16 1.63 5.25
C TRP E 53 38.31 2.60 5.05
N LEU E 54 39.26 2.58 5.98
CA LEU E 54 40.43 3.46 5.90
C LEU E 54 41.62 2.69 5.34
N VAL E 55 42.43 3.37 4.54
CA VAL E 55 43.71 2.85 4.07
C VAL E 55 44.71 3.90 4.54
N GLY E 56 45.22 3.73 5.75
CA GLY E 56 45.94 4.80 6.42
C GLY E 56 45.02 5.92 6.81
N SER E 57 45.18 7.09 6.20
CA SER E 57 44.29 8.23 6.43
C SER E 57 43.32 8.49 5.26
N ALA E 58 43.38 7.70 4.19
CA ALA E 58 42.50 7.89 3.06
C ALA E 58 41.23 7.08 3.26
N ILE E 59 40.07 7.75 3.17
CA ILE E 59 38.78 7.08 3.28
C ILE E 59 38.37 6.56 1.92
N HIS E 60 37.84 5.33 1.90
CA HIS E 60 37.18 4.76 0.75
C HIS E 60 35.74 4.49 1.13
N ILE E 61 34.81 4.83 0.25
CA ILE E 61 33.37 4.70 0.54
C ILE E 61 32.70 3.96 -0.61
N ARG E 62 31.78 3.05 -0.26
CA ARG E 62 30.93 2.40 -1.25
C ARG E 62 29.48 2.63 -0.84
N VAL E 63 28.70 3.19 -1.76
CA VAL E 63 27.29 3.46 -1.57
C VAL E 63 26.52 2.57 -2.54
N TYR E 64 25.59 1.79 -2.01
CA TYR E 64 24.77 0.90 -2.83
C TYR E 64 23.37 1.53 -2.99
N ALA E 65 23.05 1.99 -4.20
CA ALA E 65 21.81 2.69 -4.52
C ALA E 65 20.90 1.76 -5.32
N SER E 66 19.68 1.55 -4.84
CA SER E 66 18.75 0.62 -5.47
C SER E 66 17.49 1.34 -5.93
N THR E 67 17.04 0.99 -7.13
CA THR E 67 15.74 1.37 -7.68
C THR E 67 15.10 0.11 -8.27
N GLY E 68 13.88 -0.20 -7.86
CA GLY E 68 13.26 -1.43 -8.34
C GLY E 68 14.09 -2.61 -7.87
N THR E 69 14.56 -3.44 -8.81
CA THR E 69 15.46 -4.54 -8.46
C THR E 69 16.86 -4.30 -9.00
N THR E 70 17.23 -3.05 -9.23
CA THR E 70 18.51 -2.71 -9.84
C THR E 70 19.35 -1.93 -8.84
N THR E 71 20.53 -2.44 -8.54
CA THR E 71 21.41 -1.84 -7.54
C THR E 71 22.69 -1.37 -8.23
N THR E 72 23.05 -0.11 -8.01
CA THR E 72 24.29 0.46 -8.55
C THR E 72 25.24 0.75 -7.40
N GLU E 73 26.49 0.34 -7.54
CA GLU E 73 27.50 0.65 -6.55
C GLU E 73 28.20 1.94 -6.94
N TRP E 74 28.37 2.82 -5.98
CA TRP E 74 29.07 4.08 -6.20
C TRP E 74 30.30 4.14 -5.31
N CYS E 75 31.42 4.58 -5.87
CA CYS E 75 32.73 4.47 -5.23
C CYS E 75 33.36 5.85 -5.02
N TRP E 76 33.74 6.13 -3.78
CA TRP E 76 34.58 7.26 -3.46
C TRP E 76 35.95 6.73 -3.06
N ASP E 77 36.96 7.06 -3.82
CA ASP E 77 38.31 6.66 -3.45
C ASP E 77 39.21 7.87 -3.35
N GLY E 78 38.64 8.98 -2.86
CA GLY E 78 39.38 10.21 -2.63
C GLY E 78 39.36 11.23 -3.75
N ASN E 79 38.69 10.95 -4.86
CA ASN E 79 38.78 11.82 -6.03
C ASN E 79 37.60 11.65 -6.97
N GLY E 80 36.39 11.89 -6.47
CA GLY E 80 35.18 11.85 -7.27
C GLY E 80 34.43 10.53 -7.12
N TRP E 81 33.14 10.59 -7.40
CA TRP E 81 32.29 9.41 -7.35
C TRP E 81 32.18 8.76 -8.73
N THR E 82 32.46 7.44 -8.79
CA THR E 82 32.33 6.66 -10.02
C THR E 82 31.61 5.34 -9.76
N LYS E 83 30.97 4.80 -10.80
CA LYS E 83 30.26 3.53 -10.65
C LYS E 83 31.24 2.38 -10.47
N GLY E 84 30.84 1.40 -9.66
CA GLY E 84 31.67 0.25 -9.37
C GLY E 84 31.23 -0.99 -10.15
N ALA E 85 31.99 -2.05 -9.93
CA ALA E 85 31.80 -3.35 -10.55
C ALA E 85 30.71 -4.19 -9.89
N TYR E 86 30.10 -3.73 -8.81
CA TYR E 86 29.12 -4.57 -8.12
C TYR E 86 27.97 -4.97 -9.03
N THR E 87 27.58 -6.24 -8.96
CA THR E 87 26.37 -6.72 -9.58
C THR E 87 25.67 -7.61 -8.57
N ALA E 88 24.35 -7.74 -8.74
CA ALA E 88 23.54 -8.44 -7.74
C ALA E 88 23.53 -9.95 -7.92
N THR E 89 23.82 -10.44 -9.11
CA THR E 89 23.89 -11.89 -9.31
C THR E 89 24.94 -12.27 -10.36
N SER F 1 3.53 -3.66 8.12
CA SER F 1 4.82 -3.41 7.51
CA SER F 1 4.80 -3.47 7.46
C SER F 1 5.85 -4.27 8.24
N SER F 2 6.88 -4.74 7.56
CA SER F 2 7.91 -5.47 8.27
C SER F 2 8.80 -4.49 9.02
N VAL F 3 9.21 -4.86 10.23
CA VAL F 3 10.09 -3.99 11.00
C VAL F 3 11.42 -3.82 10.25
N GLN F 4 12.15 -2.76 10.62
CA GLN F 4 13.39 -2.40 9.95
C GLN F 4 14.47 -2.20 10.99
N THR F 5 15.65 -2.81 10.79
CA THR F 5 16.70 -2.77 11.81
C THR F 5 17.97 -2.11 11.30
N ALA F 6 18.81 -1.72 12.25
CA ALA F 6 20.15 -1.21 11.98
C ALA F 6 21.05 -1.73 13.08
N ALA F 7 22.27 -2.10 12.74
CA ALA F 7 23.15 -2.75 13.70
C ALA F 7 24.52 -2.11 13.68
N THR F 8 25.17 -2.10 14.84
CA THR F 8 26.54 -1.61 14.99
C THR F 8 27.24 -2.46 16.04
N SER F 9 28.58 -2.46 16.02
CA SER F 9 29.32 -3.28 16.96
C SER F 9 30.70 -2.68 17.17
N TRP F 10 31.35 -3.05 18.28
CA TRP F 10 32.68 -2.54 18.57
C TRP F 10 33.45 -3.51 19.46
N GLY F 11 34.78 -3.40 19.39
CA GLY F 11 35.65 -4.25 20.19
C GLY F 11 35.74 -5.66 19.65
N THR F 12 36.22 -6.57 20.51
CA THR F 12 36.41 -7.95 20.13
C THR F 12 35.50 -8.93 20.86
N VAL F 13 34.77 -8.48 21.88
CA VAL F 13 33.86 -9.39 22.58
C VAL F 13 32.80 -9.96 21.64
N PRO F 14 32.07 -9.15 20.85
CA PRO F 14 32.01 -7.70 20.80
C PRO F 14 30.84 -7.19 21.64
N SER F 15 30.72 -5.88 21.67
CA SER F 15 29.44 -5.25 22.00
C SER F 15 28.67 -5.03 20.70
N ILE F 16 27.38 -5.35 20.72
CA ILE F 16 26.49 -5.17 19.58
C ILE F 16 25.29 -4.35 20.04
N ARG F 17 24.84 -3.43 19.20
CA ARG F 17 23.57 -2.74 19.39
C ARG F 17 22.71 -2.92 18.14
N VAL F 18 21.47 -3.36 18.32
CA VAL F 18 20.52 -3.53 17.22
C VAL F 18 19.34 -2.60 17.50
N TYR F 19 19.07 -1.69 16.56
CA TYR F 19 17.95 -0.77 16.66
C TYR F 19 16.82 -1.26 15.76
N THR F 20 15.60 -1.28 16.29
CA THR F 20 14.45 -1.74 15.51
C THR F 20 13.41 -0.64 15.42
N ALA F 21 13.10 -0.22 14.20
CA ALA F 21 11.93 0.62 13.92
C ALA F 21 10.72 -0.27 13.68
N ASN F 22 9.70 -0.15 14.52
CA ASN F 22 8.53 -1.01 14.51
C ASN F 22 7.31 -0.10 14.60
N HIS F 23 6.68 0.17 13.45
CA HIS F 23 5.45 0.96 13.35
C HIS F 23 5.55 2.27 14.15
N GLY F 24 6.60 3.03 13.86
CA GLY F 24 6.78 4.36 14.40
C GLY F 24 7.59 4.44 15.68
N LYS F 25 8.07 3.32 16.21
CA LYS F 25 8.81 3.32 17.48
C LYS F 25 10.12 2.58 17.30
N ILE F 26 11.23 3.21 17.69
CA ILE F 26 12.56 2.60 17.65
C ILE F 26 12.97 2.17 19.05
N THR F 27 13.29 0.88 19.22
CA THR F 27 13.84 0.33 20.46
C THR F 27 15.23 -0.23 20.18
N GLU F 28 15.95 -0.56 21.27
CA GLU F 28 17.36 -0.93 21.20
C GLU F 28 17.60 -2.20 22.01
N ARG F 29 18.24 -3.19 21.40
CA ARG F 29 18.64 -4.41 22.08
C ARG F 29 20.16 -4.48 22.04
N CYS F 30 20.75 -4.98 23.13
CA CYS F 30 22.19 -4.88 23.36
C CYS F 30 22.79 -6.22 23.70
N TRP F 31 24.04 -6.41 23.27
CA TRP F 31 24.85 -7.57 23.59
C TRP F 31 26.24 -7.11 24.01
N ASP F 32 26.67 -7.56 25.19
CA ASP F 32 28.02 -7.25 25.68
C ASP F 32 28.75 -8.53 26.08
N GLY F 33 28.37 -9.66 25.51
CA GLY F 33 29.01 -10.93 25.76
C GLY F 33 28.24 -11.87 26.65
N LYS F 34 27.15 -11.42 27.28
CA LYS F 34 26.51 -12.19 28.34
C LYS F 34 24.99 -12.20 28.20
N GLY F 35 24.47 -12.22 26.99
CA GLY F 35 23.02 -12.19 26.91
C GLY F 35 22.49 -10.86 26.38
N TRP F 36 21.35 -10.94 25.69
CA TRP F 36 20.69 -9.77 25.12
C TRP F 36 19.77 -9.09 26.14
N TYR F 37 19.82 -7.76 26.18
CA TYR F 37 18.98 -6.97 27.07
C TYR F 37 18.48 -5.72 26.36
N THR F 38 17.45 -5.10 26.92
CA THR F 38 16.90 -3.90 26.31
C THR F 38 17.69 -2.67 26.73
N GLY F 39 18.17 -1.91 25.74
CA GLY F 39 18.95 -0.72 26.00
C GLY F 39 18.09 0.50 26.28
N ALA F 40 18.79 1.59 26.62
CA ALA F 40 18.11 2.83 27.00
C ALA F 40 17.37 3.49 25.84
N PHE F 41 17.83 3.30 24.60
CA PHE F 41 17.31 4.10 23.50
C PHE F 41 15.87 3.74 23.16
N ASN F 42 15.00 4.75 23.14
CA ASN F 42 13.57 4.55 22.89
C ASN F 42 13.01 5.87 22.34
N GLU F 43 12.88 5.97 21.02
CA GLU F 43 12.46 7.22 20.41
C GLU F 43 11.59 6.93 19.19
N PRO F 44 10.80 7.90 18.73
CA PRO F 44 9.97 7.68 17.54
C PRO F 44 10.77 7.57 16.27
N GLY F 45 10.29 6.75 15.36
CA GLY F 45 10.90 6.65 14.04
C GLY F 45 10.31 5.57 13.17
N ASP F 46 10.14 5.85 11.87
CA ASP F 46 9.76 4.85 10.87
C ASP F 46 10.96 4.18 10.22
N ASN F 47 12.13 4.79 10.33
CA ASN F 47 13.33 4.34 9.67
C ASN F 47 14.51 4.66 10.58
N VAL F 48 15.50 3.77 10.65
CA VAL F 48 16.65 3.98 11.52
C VAL F 48 17.93 3.59 10.78
N SER F 49 18.99 4.37 11.02
CA SER F 49 20.35 3.93 10.68
C SER F 49 21.27 4.30 11.84
N VAL F 50 22.45 3.71 11.87
CA VAL F 50 23.35 3.88 12.99
C VAL F 50 24.79 3.81 12.50
N THR F 51 25.67 4.60 13.14
CA THR F 51 27.09 4.38 13.04
C THR F 51 27.69 4.62 14.42
N SER F 52 28.89 4.08 14.63
CA SER F 52 29.55 4.27 15.92
C SER F 52 31.06 4.29 15.70
N TRP F 53 31.77 4.85 16.68
CA TRP F 53 33.23 4.91 16.61
C TRP F 53 33.81 4.94 18.03
N LEU F 54 35.03 4.42 18.15
CA LEU F 54 35.72 4.41 19.43
C LEU F 54 36.69 5.59 19.53
N VAL F 55 36.85 6.08 20.76
CA VAL F 55 37.95 6.98 21.12
C VAL F 55 38.62 6.29 22.31
N GLY F 56 39.79 5.70 22.05
CA GLY F 56 40.35 4.76 22.99
C GLY F 56 39.39 3.61 23.23
N SER F 57 38.78 3.59 24.41
CA SER F 57 37.85 2.53 24.77
C SER F 57 36.43 3.03 25.01
N ALA F 58 36.16 4.31 24.78
CA ALA F 58 34.83 4.86 24.95
C ALA F 58 34.07 4.84 23.62
N ILE F 59 32.81 4.37 23.67
CA ILE F 59 32.02 4.21 22.45
C ILE F 59 31.20 5.47 22.25
N HIS F 60 31.10 5.90 21.01
CA HIS F 60 30.20 6.97 20.60
C HIS F 60 29.26 6.45 19.53
N ILE F 61 27.96 6.69 19.71
CA ILE F 61 26.94 6.17 18.81
C ILE F 61 26.09 7.32 18.29
N ARG F 62 25.74 7.26 17.00
CA ARG F 62 24.83 8.19 16.36
C ARG F 62 23.74 7.37 15.68
N VAL F 63 22.50 7.60 16.06
CA VAL F 63 21.33 6.93 15.50
C VAL F 63 20.54 7.98 14.77
N TYR F 64 20.20 7.71 13.52
CA TYR F 64 19.45 8.63 12.67
C TYR F 64 18.05 8.07 12.53
N ALA F 65 17.08 8.74 13.16
CA ALA F 65 15.69 8.29 13.22
C ALA F 65 14.86 9.18 12.31
N SER F 66 14.13 8.57 11.38
CA SER F 66 13.38 9.33 10.39
C SER F 66 11.89 9.02 10.53
N THR F 67 11.10 10.08 10.61
CA THR F 67 9.64 10.04 10.56
C THR F 67 9.21 10.98 9.45
N GLY F 68 8.40 10.49 8.51
CA GLY F 68 8.07 11.28 7.35
C GLY F 68 9.34 11.68 6.62
N THR F 69 9.55 12.98 6.43
CA THR F 69 10.79 13.45 5.84
C THR F 69 11.73 14.11 6.86
N THR F 70 11.49 13.92 8.16
CA THR F 70 12.30 14.56 9.19
C THR F 70 13.21 13.51 9.82
N THR F 71 14.51 13.75 9.74
CA THR F 71 15.51 12.88 10.35
C THR F 71 16.09 13.57 11.57
N THR F 72 16.09 12.86 12.70
CA THR F 72 16.62 13.36 13.96
C THR F 72 17.80 12.51 14.36
N GLU F 73 18.95 13.14 14.63
CA GLU F 73 20.14 12.44 15.10
C GLU F 73 20.12 12.34 16.61
N TRP F 74 20.41 11.16 17.12
CA TRP F 74 20.49 10.88 18.54
C TRP F 74 21.90 10.45 18.87
N CYS F 75 22.47 11.01 19.94
CA CYS F 75 23.89 10.85 20.24
C CYS F 75 24.08 10.17 21.58
N TRP F 76 24.91 9.14 21.60
CA TRP F 76 25.41 8.55 22.83
C TRP F 76 26.90 8.85 22.91
N ASP F 77 27.32 9.52 23.98
CA ASP F 77 28.76 9.75 24.15
C ASP F 77 29.23 9.27 25.51
N GLY F 78 28.58 8.24 26.05
CA GLY F 78 28.95 7.61 27.30
C GLY F 78 28.05 7.93 28.46
N ASN F 79 27.17 8.92 28.34
CA ASN F 79 26.42 9.42 29.49
C ASN F 79 25.04 9.93 29.06
N GLY F 80 24.25 9.04 28.45
CA GLY F 80 22.89 9.38 28.09
C GLY F 80 22.76 9.80 26.63
N TRP F 81 21.56 9.60 26.08
CA TRP F 81 21.23 9.97 24.71
C TRP F 81 20.78 11.42 24.65
N THR F 82 21.33 12.18 23.70
CA THR F 82 20.93 13.55 23.44
C THR F 82 20.75 13.79 21.95
N LYS F 83 19.83 14.69 21.60
CA LYS F 83 19.65 15.04 20.20
C LYS F 83 20.90 15.70 19.66
N GLY F 84 21.21 15.43 18.39
CA GLY F 84 22.37 15.98 17.73
C GLY F 84 22.02 17.14 16.82
N ALA F 85 23.09 17.73 16.25
CA ALA F 85 22.96 18.89 15.37
C ALA F 85 22.60 18.50 13.93
N TYR F 86 22.50 17.22 13.62
CA TYR F 86 22.26 16.82 12.23
C TYR F 86 21.04 17.52 11.66
N THR F 87 21.20 18.04 10.44
CA THR F 87 20.11 18.58 9.65
C THR F 87 20.27 18.09 8.21
N ALA F 88 19.14 17.97 7.51
CA ALA F 88 19.19 17.45 6.15
C ALA F 88 19.58 18.50 5.11
N THR F 89 19.40 19.79 5.41
CA THR F 89 19.83 20.90 4.55
C THR F 89 20.18 22.08 5.43
N ASN F 90 20.72 23.13 4.80
CA ASN F 90 21.27 24.32 5.50
C ASN F 90 22.49 23.96 6.32
N SER G 1 6.85 -5.43 -5.74
CA SER G 1 5.61 -5.97 -6.30
C SER G 1 5.86 -7.41 -6.77
N SER G 2 4.82 -8.09 -7.28
CA SER G 2 4.96 -9.44 -7.79
C SER G 2 5.18 -9.43 -9.30
N VAL G 3 6.26 -10.08 -9.77
CA VAL G 3 6.55 -10.08 -11.20
C VAL G 3 5.42 -10.74 -11.98
N GLN G 4 5.38 -10.47 -13.28
CA GLN G 4 4.34 -11.00 -14.16
C GLN G 4 4.99 -11.64 -15.38
N THR G 5 4.56 -12.85 -15.72
CA THR G 5 5.26 -13.63 -16.74
C THR G 5 4.33 -14.04 -17.87
N ALA G 6 4.96 -14.36 -19.00
CA ALA G 6 4.26 -14.86 -20.17
C ALA G 6 5.19 -15.89 -20.80
N ALA G 7 4.62 -16.98 -21.29
CA ALA G 7 5.44 -18.08 -21.78
C ALA G 7 4.90 -18.59 -23.11
N THR G 8 5.79 -19.06 -23.97
CA THR G 8 5.40 -19.69 -25.23
C THR G 8 6.38 -20.82 -25.52
N SER G 9 5.98 -21.74 -26.38
CA SER G 9 6.84 -22.87 -26.66
C SER G 9 6.59 -23.36 -28.08
N TRP G 10 7.56 -24.08 -28.63
CA TRP G 10 7.40 -24.61 -29.97
C TRP G 10 8.25 -25.85 -30.17
N GLY G 11 7.79 -26.72 -31.06
CA GLY G 11 8.51 -27.94 -31.39
C GLY G 11 8.33 -29.02 -30.35
N THR G 12 9.20 -30.03 -30.43
CA THR G 12 9.13 -31.20 -29.57
C THR G 12 10.30 -31.34 -28.61
N VAL G 13 11.34 -30.52 -28.75
CA VAL G 13 12.42 -30.54 -27.77
C VAL G 13 11.93 -30.24 -26.35
N PRO G 14 11.16 -29.17 -26.08
CA PRO G 14 10.78 -28.08 -26.99
C PRO G 14 11.74 -26.93 -26.85
N SER G 15 11.47 -25.85 -27.56
CA SER G 15 11.99 -24.54 -27.20
C SER G 15 10.94 -23.81 -26.36
N ILE G 16 11.39 -23.12 -25.31
CA ILE G 16 10.53 -22.29 -24.48
C ILE G 16 11.11 -20.88 -24.42
N ARG G 17 10.23 -19.87 -24.38
CA ARG G 17 10.63 -18.51 -24.07
C ARG G 17 9.75 -18.01 -22.95
N VAL G 18 10.35 -17.51 -21.87
CA VAL G 18 9.59 -16.94 -20.76
C VAL G 18 9.96 -15.47 -20.63
N TYR G 19 8.95 -14.60 -20.69
CA TYR G 19 9.11 -13.16 -20.54
C TYR G 19 8.63 -12.75 -19.16
N THR G 20 9.41 -11.90 -18.50
CA THR G 20 9.10 -11.47 -17.13
C THR G 20 9.10 -9.95 -17.07
N ALA G 21 7.94 -9.36 -16.75
CA ALA G 21 7.85 -7.95 -16.36
C ALA G 21 8.23 -7.83 -14.89
N ASN G 22 9.26 -7.04 -14.61
CA ASN G 22 9.85 -6.98 -13.27
C ASN G 22 10.19 -5.52 -13.04
N HIS G 23 9.34 -4.84 -12.25
CA HIS G 23 9.46 -3.43 -11.91
C HIS G 23 9.76 -2.57 -13.12
N GLY G 24 8.92 -2.69 -14.15
CA GLY G 24 9.01 -1.86 -15.33
C GLY G 24 9.92 -2.34 -16.44
N LYS G 25 10.59 -3.48 -16.29
CA LYS G 25 11.51 -4.00 -17.30
C LYS G 25 11.08 -5.41 -17.67
N ILE G 26 10.94 -5.69 -18.97
CA ILE G 26 10.64 -7.02 -19.45
C ILE G 26 11.93 -7.65 -19.97
N THR G 27 12.26 -8.83 -19.46
CA THR G 27 13.43 -9.58 -19.90
C THR G 27 12.97 -10.98 -20.32
N GLU G 28 13.91 -11.78 -20.82
CA GLU G 28 13.57 -13.01 -21.52
C GLU G 28 14.51 -14.14 -21.11
N ARG G 29 13.94 -15.27 -20.74
CA ARG G 29 14.73 -16.48 -20.52
C ARG G 29 14.36 -17.52 -21.56
N CYS G 30 15.37 -18.28 -22.02
CA CYS G 30 15.24 -19.15 -23.17
C CYS G 30 15.64 -20.56 -22.82
N TRP G 31 14.93 -21.52 -23.38
CA TRP G 31 15.24 -22.94 -23.26
C TRP G 31 15.18 -23.51 -24.66
N ASP G 32 16.28 -24.13 -25.12
CA ASP G 32 16.32 -24.88 -26.37
C ASP G 32 16.78 -26.31 -26.14
N GLY G 33 16.47 -26.86 -24.97
CA GLY G 33 16.82 -28.23 -24.64
C GLY G 33 18.15 -28.42 -23.95
N LYS G 34 18.90 -27.35 -23.68
CA LYS G 34 20.27 -27.51 -23.24
C LYS G 34 20.62 -26.58 -22.09
N GLY G 35 19.62 -26.21 -21.31
CA GLY G 35 19.81 -25.26 -20.23
C GLY G 35 19.10 -23.94 -20.52
N TRP G 36 18.83 -23.22 -19.44
CA TRP G 36 18.20 -21.91 -19.54
C TRP G 36 19.26 -20.84 -19.74
N TYR G 37 19.00 -19.89 -20.64
CA TYR G 37 19.93 -18.80 -20.87
C TYR G 37 19.14 -17.52 -21.11
N THR G 38 19.82 -16.38 -20.96
CA THR G 38 19.17 -15.08 -21.10
C THR G 38 19.08 -14.67 -22.56
N GLY G 39 17.87 -14.27 -22.98
CA GLY G 39 17.62 -13.88 -24.35
C GLY G 39 17.93 -12.43 -24.59
N ALA G 40 17.90 -12.06 -25.88
CA ALA G 40 18.20 -10.70 -26.27
C ALA G 40 17.08 -9.71 -25.98
N PHE G 41 15.86 -10.18 -25.74
CA PHE G 41 14.75 -9.27 -25.57
C PHE G 41 14.86 -8.51 -24.26
N ASN G 42 14.80 -7.17 -24.34
CA ASN G 42 14.92 -6.34 -23.15
C ASN G 42 14.24 -5.01 -23.46
N GLU G 43 13.03 -4.80 -22.95
CA GLU G 43 12.26 -3.61 -23.26
C GLU G 43 11.43 -3.21 -22.04
N PRO G 44 11.06 -1.92 -21.93
CA PRO G 44 10.23 -1.48 -20.79
C PRO G 44 8.83 -2.06 -20.84
N GLY G 45 8.25 -2.22 -19.66
CA GLY G 45 6.91 -2.73 -19.58
C GLY G 45 6.55 -3.17 -18.19
N ASP G 46 5.29 -2.95 -17.82
CA ASP G 46 4.70 -3.44 -16.60
C ASP G 46 3.86 -4.70 -16.81
N ASN G 47 3.55 -5.02 -18.06
CA ASN G 47 2.73 -6.19 -18.35
C ASN G 47 3.17 -6.75 -19.68
N VAL G 48 3.14 -8.08 -19.81
CA VAL G 48 3.60 -8.71 -21.04
C VAL G 48 2.69 -9.88 -21.39
N SER G 49 2.40 -10.04 -22.67
CA SER G 49 1.84 -11.27 -23.20
C SER G 49 2.63 -11.65 -24.44
N VAL G 50 2.46 -12.89 -24.88
CA VAL G 50 3.25 -13.41 -25.99
C VAL G 50 2.41 -14.43 -26.75
N THR G 51 2.61 -14.48 -28.06
CA THR G 51 2.14 -15.60 -28.85
C THR G 51 3.22 -15.90 -29.87
N SER G 52 3.29 -17.14 -30.33
CA SER G 52 4.29 -17.51 -31.32
C SER G 52 3.68 -18.52 -32.27
N TRP G 53 4.30 -18.65 -33.44
CA TRP G 53 3.90 -19.64 -34.42
C TRP G 53 5.09 -20.03 -35.26
N LEU G 54 5.08 -21.30 -35.72
CA LEU G 54 6.14 -21.85 -36.55
C LEU G 54 5.79 -21.71 -38.03
N VAL G 55 6.83 -21.52 -38.82
CA VAL G 55 6.73 -21.65 -40.27
C VAL G 55 7.84 -22.62 -40.63
N GLY G 56 7.47 -23.87 -40.89
CA GLY G 56 8.49 -24.90 -40.99
C GLY G 56 9.24 -24.98 -39.67
N SER G 57 10.55 -24.77 -39.70
CA SER G 57 11.35 -24.81 -38.49
C SER G 57 11.63 -23.42 -37.90
N ALA G 58 11.18 -22.36 -38.56
CA ALA G 58 11.47 -21.00 -38.13
C ALA G 58 10.39 -20.49 -37.18
N ILE G 59 10.82 -20.00 -36.01
CA ILE G 59 9.88 -19.47 -35.03
C ILE G 59 9.63 -18.00 -35.33
N HIS G 60 8.38 -17.57 -35.14
CA HIS G 60 7.99 -16.18 -35.20
C HIS G 60 7.29 -15.82 -33.89
N ILE G 61 7.75 -14.73 -33.25
CA ILE G 61 7.29 -14.36 -31.92
C ILE G 61 6.71 -12.95 -31.95
N ARG G 62 5.62 -12.74 -31.24
CA ARG G 62 5.06 -11.42 -31.00
C ARG G 62 4.93 -11.22 -29.50
N VAL G 63 5.60 -10.19 -28.99
CA VAL G 63 5.54 -9.83 -27.57
C VAL G 63 4.81 -8.49 -27.45
N TYR G 64 3.77 -8.46 -26.61
CA TYR G 64 2.99 -7.26 -26.36
C TYR G 64 3.36 -6.72 -24.99
N ALA G 65 4.05 -5.58 -24.99
CA ALA G 65 4.55 -4.91 -23.80
C ALA G 65 3.69 -3.70 -23.50
N SER G 66 3.14 -3.60 -22.29
CA SER G 66 2.23 -2.49 -21.99
C SER G 66 2.74 -1.67 -20.82
N THR G 67 2.60 -0.35 -20.94
CA THR G 67 2.82 0.58 -19.83
C THR G 67 1.68 1.59 -19.84
N GLY G 68 1.04 1.76 -18.68
CA GLY G 68 -0.17 2.55 -18.65
C GLY G 68 -1.18 2.03 -19.65
N THR G 69 -1.60 2.85 -20.59
CA THR G 69 -2.51 2.41 -21.64
C THR G 69 -1.82 2.19 -22.98
N THR G 70 -0.49 2.16 -23.01
CA THR G 70 0.24 2.02 -24.26
C THR G 70 0.78 0.60 -24.39
N THR G 71 0.37 -0.09 -25.45
CA THR G 71 0.83 -1.44 -25.76
C THR G 71 1.70 -1.39 -27.01
N THR G 72 2.94 -1.84 -26.87
CA THR G 72 3.91 -1.91 -27.96
C THR G 72 4.12 -3.36 -28.34
N GLU G 73 4.04 -3.64 -29.63
CA GLU G 73 4.28 -4.98 -30.18
C GLU G 73 5.73 -5.11 -30.65
N TRP G 74 6.38 -6.20 -30.25
CA TRP G 74 7.74 -6.49 -30.69
C TRP G 74 7.72 -7.82 -31.44
N CYS G 75 8.44 -7.84 -32.56
CA CYS G 75 8.40 -8.95 -33.50
C CYS G 75 9.76 -9.59 -33.59
N TRP G 76 9.80 -10.90 -33.45
CA TRP G 76 10.95 -11.70 -33.82
C TRP G 76 10.53 -12.53 -35.03
N ASP G 77 11.18 -12.29 -36.16
CA ASP G 77 10.93 -13.11 -37.34
C ASP G 77 12.23 -13.74 -37.83
N GLY G 78 13.11 -14.08 -36.90
CA GLY G 78 14.36 -14.71 -37.23
C GLY G 78 15.49 -13.76 -37.52
N ASN G 79 15.25 -12.44 -37.48
CA ASN G 79 16.27 -11.50 -37.92
C ASN G 79 16.38 -10.29 -37.02
N GLY G 80 16.10 -10.45 -35.73
CA GLY G 80 16.16 -9.33 -34.83
C GLY G 80 14.77 -8.91 -34.37
N TRP G 81 14.75 -8.26 -33.20
CA TRP G 81 13.50 -7.73 -32.68
C TRP G 81 13.21 -6.40 -33.35
N THR G 82 12.00 -6.27 -33.89
CA THR G 82 11.55 -5.01 -34.48
C THR G 82 10.17 -4.66 -33.97
N LYS G 83 9.87 -3.37 -33.92
CA LYS G 83 8.59 -2.90 -33.45
C LYS G 83 7.51 -3.19 -34.50
N GLY G 84 6.39 -3.75 -34.05
CA GLY G 84 5.32 -4.11 -34.96
C GLY G 84 4.31 -2.99 -35.20
N ALA G 85 3.40 -3.23 -36.14
CA ALA G 85 2.35 -2.28 -36.47
C ALA G 85 1.19 -2.25 -35.48
N TYR G 86 1.16 -3.11 -34.46
CA TYR G 86 0.03 -3.14 -33.55
C TYR G 86 -0.27 -1.77 -32.93
N THR G 87 -1.54 -1.40 -32.96
CA THR G 87 -2.05 -0.24 -32.24
C THR G 87 -3.32 -0.67 -31.53
N ALA G 88 -3.61 -0.03 -30.38
CA ALA G 88 -4.76 -0.45 -29.58
C ALA G 88 -6.08 0.13 -30.09
N THR G 89 -6.05 1.29 -30.73
CA THR G 89 -7.28 1.92 -31.24
C THR G 89 -7.05 2.60 -32.59
N SER H 1 -7.99 -6.97 -5.30
CA SER H 1 -7.32 -7.79 -6.29
C SER H 1 -8.30 -8.74 -6.98
N SER H 2 -8.45 -8.61 -8.30
CA SER H 2 -9.10 -9.66 -9.07
C SER H 2 -8.15 -10.82 -9.28
N VAL H 3 -8.71 -12.01 -9.53
CA VAL H 3 -7.87 -13.19 -9.68
C VAL H 3 -7.25 -13.10 -11.06
N GLN H 4 -6.23 -13.91 -11.32
CA GLN H 4 -5.49 -13.82 -12.57
C GLN H 4 -5.36 -15.22 -13.14
N THR H 5 -5.68 -15.39 -14.43
CA THR H 5 -5.70 -16.72 -15.01
C THR H 5 -4.73 -16.85 -16.17
N ALA H 6 -4.50 -18.11 -16.53
CA ALA H 6 -3.64 -18.52 -17.64
C ALA H 6 -4.26 -19.77 -18.23
N ALA H 7 -4.35 -19.84 -19.56
CA ALA H 7 -5.09 -20.90 -20.22
C ALA H 7 -4.24 -21.54 -21.31
N THR H 8 -4.39 -22.86 -21.45
CA THR H 8 -3.76 -23.61 -22.50
C THR H 8 -4.71 -24.71 -22.96
N SER H 9 -4.49 -25.20 -24.18
CA SER H 9 -5.36 -26.22 -24.76
C SER H 9 -4.60 -27.04 -25.78
N TRP H 10 -5.07 -28.27 -26.01
CA TRP H 10 -4.39 -29.14 -26.97
C TRP H 10 -5.36 -30.13 -27.58
N GLY H 11 -5.05 -30.55 -28.80
CA GLY H 11 -5.91 -31.48 -29.51
C GLY H 11 -7.11 -30.79 -30.14
N THR H 12 -8.11 -31.60 -30.49
CA THR H 12 -9.28 -31.09 -31.18
C THR H 12 -10.58 -31.31 -30.42
N VAL H 13 -10.57 -32.10 -29.35
CA VAL H 13 -11.75 -32.19 -28.47
C VAL H 13 -12.21 -30.80 -28.00
N PRO H 14 -11.33 -29.93 -27.44
CA PRO H 14 -9.95 -30.16 -27.06
C PRO H 14 -9.88 -30.43 -25.57
N SER H 15 -8.68 -30.62 -25.07
CA SER H 15 -8.48 -30.49 -23.63
C SER H 15 -8.11 -29.04 -23.34
N ILE H 16 -8.63 -28.50 -22.24
CA ILE H 16 -8.30 -27.16 -21.78
C ILE H 16 -7.87 -27.25 -20.32
N ARG H 17 -6.86 -26.46 -19.95
CA ARG H 17 -6.45 -26.29 -18.57
C ARG H 17 -6.41 -24.79 -18.28
N VAL H 18 -7.07 -24.38 -17.20
CA VAL H 18 -7.16 -22.99 -16.77
C VAL H 18 -6.59 -22.91 -15.36
N TYR H 19 -5.49 -22.19 -15.22
CA TYR H 19 -4.85 -21.96 -13.93
C TYR H 19 -5.28 -20.60 -13.39
N THR H 20 -5.67 -20.56 -12.12
CA THR H 20 -6.08 -19.32 -11.48
C THR H 20 -5.16 -19.04 -10.31
N ALA H 21 -4.52 -17.87 -10.33
CA ALA H 21 -3.82 -17.35 -9.16
C ALA H 21 -4.79 -16.50 -8.35
N ASN H 22 -5.07 -16.94 -7.12
CA ASN H 22 -6.11 -16.35 -6.27
C ASN H 22 -5.49 -16.07 -4.91
N HIS H 23 -5.08 -14.82 -4.69
CA HIS H 23 -4.52 -14.36 -3.42
C HIS H 23 -3.51 -15.35 -2.86
N GLY H 24 -2.52 -15.70 -3.69
CA GLY H 24 -1.37 -16.45 -3.24
C GLY H 24 -1.44 -17.94 -3.47
N LYS H 25 -2.55 -18.49 -3.96
CA LYS H 25 -2.65 -19.90 -4.32
C LYS H 25 -3.06 -20.02 -5.77
N ILE H 26 -2.38 -20.91 -6.50
CA ILE H 26 -2.77 -21.28 -7.86
C ILE H 26 -3.45 -22.64 -7.81
N THR H 27 -4.59 -22.74 -8.48
CA THR H 27 -5.32 -23.98 -8.65
C THR H 27 -5.62 -24.11 -10.12
N GLU H 28 -6.23 -25.24 -10.50
CA GLU H 28 -6.33 -25.65 -11.90
C GLU H 28 -7.69 -26.27 -12.16
N ARG H 29 -8.37 -25.79 -13.19
CA ARG H 29 -9.61 -26.42 -13.64
C ARG H 29 -9.39 -27.01 -15.04
N CYS H 30 -10.06 -28.14 -15.28
CA CYS H 30 -9.74 -29.01 -16.42
C CYS H 30 -10.99 -29.33 -17.20
N TRP H 31 -10.87 -29.28 -18.52
CA TRP H 31 -11.90 -29.66 -19.46
C TRP H 31 -11.31 -30.69 -20.41
N ASP H 32 -11.88 -31.89 -20.42
CA ASP H 32 -11.48 -32.92 -21.38
C ASP H 32 -12.64 -33.30 -22.29
N GLY H 33 -13.63 -32.41 -22.44
CA GLY H 33 -14.76 -32.63 -23.32
C GLY H 33 -16.00 -33.14 -22.62
N LYS H 34 -15.91 -33.53 -21.36
CA LYS H 34 -17.03 -34.16 -20.65
C LYS H 34 -17.34 -33.47 -19.32
N GLY H 35 -17.18 -32.16 -19.24
CA GLY H 35 -17.39 -31.42 -18.02
C GLY H 35 -16.10 -30.85 -17.43
N TRP H 36 -16.28 -29.92 -16.52
CA TRP H 36 -15.16 -29.25 -15.85
C TRP H 36 -14.93 -29.88 -14.48
N TYR H 37 -13.66 -30.09 -14.13
CA TYR H 37 -13.30 -30.68 -12.85
C TYR H 37 -11.96 -30.09 -12.39
N THR H 38 -11.68 -30.23 -11.10
CA THR H 38 -10.50 -29.63 -10.47
C THR H 38 -9.29 -30.54 -10.66
N GLY H 39 -8.21 -29.99 -11.23
CA GLY H 39 -7.01 -30.77 -11.49
C GLY H 39 -6.11 -30.85 -10.30
N ALA H 40 -5.02 -31.60 -10.47
CA ALA H 40 -4.15 -31.89 -9.34
C ALA H 40 -3.22 -30.73 -8.98
N PHE H 41 -3.02 -29.76 -9.88
CA PHE H 41 -2.05 -28.70 -9.60
C PHE H 41 -2.54 -27.78 -8.50
N ASN H 42 -1.70 -27.61 -7.47
CA ASN H 42 -2.06 -26.77 -6.33
C ASN H 42 -0.75 -26.29 -5.73
N GLU H 43 -0.34 -25.07 -6.05
CA GLU H 43 0.94 -24.53 -5.59
C GLU H 43 0.79 -23.04 -5.35
N PRO H 44 1.63 -22.46 -4.49
CA PRO H 44 1.52 -21.03 -4.20
C PRO H 44 1.95 -20.19 -5.39
N GLY H 45 1.42 -18.98 -5.42
CA GLY H 45 1.79 -18.02 -6.42
C GLY H 45 0.79 -16.91 -6.53
N ASP H 46 1.29 -15.69 -6.75
CA ASP H 46 0.45 -14.53 -7.02
C ASP H 46 0.27 -14.29 -8.52
N ASN H 47 1.08 -14.93 -9.35
CA ASN H 47 0.98 -14.77 -10.80
C ASN H 47 1.28 -16.09 -11.47
N VAL H 48 0.60 -16.37 -12.57
CA VAL H 48 0.75 -17.63 -13.28
C VAL H 48 0.75 -17.39 -14.79
N SER H 49 1.63 -18.09 -15.50
CA SER H 49 1.54 -18.23 -16.95
C SER H 49 1.74 -19.71 -17.28
N VAL H 50 1.32 -20.11 -18.48
CA VAL H 50 1.36 -21.53 -18.84
C VAL H 50 1.76 -21.65 -20.31
N THR H 51 2.46 -22.73 -20.63
CA THR H 51 2.59 -23.12 -22.01
C THR H 51 2.56 -24.64 -22.06
N SER H 52 2.14 -25.18 -23.21
CA SER H 52 2.10 -26.62 -23.38
C SER H 52 2.48 -26.99 -24.82
N TRP H 53 2.88 -28.24 -24.99
CA TRP H 53 3.21 -28.77 -26.31
C TRP H 53 2.90 -30.26 -26.32
N LEU H 54 2.66 -30.77 -27.52
CA LEU H 54 2.44 -32.20 -27.75
C LEU H 54 3.72 -32.87 -28.27
N VAL H 55 4.00 -34.06 -27.73
CA VAL H 55 4.85 -35.04 -28.40
C VAL H 55 3.92 -36.17 -28.83
N GLY H 56 3.63 -36.23 -30.12
CA GLY H 56 2.58 -37.12 -30.61
C GLY H 56 1.25 -36.69 -30.03
N SER H 57 0.63 -37.57 -29.25
CA SER H 57 -0.62 -37.26 -28.57
C SER H 57 -0.43 -37.03 -27.07
N ALA H 58 0.81 -36.91 -26.61
CA ALA H 58 1.13 -36.81 -25.19
C ALA H 58 1.40 -35.34 -24.84
N ILE H 59 0.65 -34.81 -23.88
CA ILE H 59 0.74 -33.39 -23.51
C ILE H 59 1.90 -33.16 -22.54
N HIS H 60 2.59 -32.05 -22.72
CA HIS H 60 3.61 -31.57 -21.78
C HIS H 60 3.27 -30.13 -21.42
N ILE H 61 3.12 -29.86 -20.12
CA ILE H 61 2.68 -28.56 -19.62
C ILE H 61 3.78 -27.96 -18.75
N ARG H 62 3.99 -26.65 -18.88
CA ARG H 62 4.86 -25.91 -17.97
C ARG H 62 4.09 -24.73 -17.43
N VAL H 63 4.00 -24.65 -16.10
CA VAL H 63 3.33 -23.56 -15.38
C VAL H 63 4.40 -22.73 -14.67
N TYR H 64 4.36 -21.41 -14.85
CA TYR H 64 5.32 -20.51 -14.22
C TYR H 64 4.60 -19.73 -13.13
N ALA H 65 4.89 -20.10 -11.89
CA ALA H 65 4.25 -19.53 -10.72
C ALA H 65 5.20 -18.53 -10.08
N SER H 66 4.74 -17.29 -9.88
CA SER H 66 5.59 -16.23 -9.35
C SER H 66 5.03 -15.68 -8.05
N THR H 67 5.93 -15.50 -7.09
CA THR H 67 5.68 -14.88 -5.79
C THR H 67 6.83 -13.90 -5.57
N GLY H 68 6.50 -12.62 -5.36
CA GLY H 68 7.56 -11.63 -5.24
C GLY H 68 8.32 -11.52 -6.55
N THR H 69 9.63 -11.76 -6.53
CA THR H 69 10.44 -11.80 -7.74
C THR H 69 10.94 -13.21 -8.04
N THR H 70 10.37 -14.22 -7.39
CA THR H 70 10.78 -15.62 -7.57
C THR H 70 9.75 -16.34 -8.44
N THR H 71 10.20 -16.88 -9.57
CA THR H 71 9.36 -17.66 -10.46
C THR H 71 9.78 -19.12 -10.38
N THR H 72 8.83 -20.00 -10.08
CA THR H 72 9.06 -21.43 -10.02
C THR H 72 8.40 -22.11 -11.21
N GLU H 73 9.13 -22.95 -11.93
CA GLU H 73 8.55 -23.70 -13.03
C GLU H 73 8.07 -25.07 -12.54
N TRP H 74 6.83 -25.41 -12.91
CA TRP H 74 6.21 -26.70 -12.60
C TRP H 74 5.94 -27.47 -13.89
N CYS H 75 6.26 -28.76 -13.89
CA CYS H 75 6.29 -29.56 -15.10
C CYS H 75 5.30 -30.71 -15.00
N TRP H 76 4.43 -30.82 -15.98
CA TRP H 76 3.56 -31.97 -16.14
C TRP H 76 4.00 -32.72 -17.39
N ASP H 77 4.39 -33.99 -17.23
CA ASP H 77 4.76 -34.80 -18.38
C ASP H 77 3.97 -36.11 -18.41
N GLY H 78 2.73 -36.09 -17.92
CA GLY H 78 1.88 -37.26 -17.93
C GLY H 78 1.77 -37.98 -16.60
N ASN H 79 2.71 -37.78 -15.68
CA ASN H 79 2.78 -38.60 -14.47
C ASN H 79 3.17 -37.77 -13.25
N GLY H 80 2.41 -36.71 -12.97
CA GLY H 80 2.62 -35.91 -11.78
C GLY H 80 3.32 -34.58 -12.09
N TRP H 81 3.22 -33.66 -11.14
CA TRP H 81 3.84 -32.33 -11.25
C TRP H 81 5.16 -32.32 -10.49
N THR H 82 6.22 -31.81 -11.13
CA THR H 82 7.53 -31.69 -10.52
C THR H 82 8.12 -30.31 -10.85
N LYS H 83 8.98 -29.81 -9.96
CA LYS H 83 9.66 -28.54 -10.23
C LYS H 83 10.65 -28.68 -11.37
N GLY H 84 10.72 -27.64 -12.21
CA GLY H 84 11.64 -27.62 -13.32
C GLY H 84 12.91 -26.84 -13.01
N ALA H 85 13.81 -26.85 -14.00
CA ALA H 85 15.12 -26.22 -13.86
C ALA H 85 15.10 -24.71 -14.08
N TYR H 86 13.96 -24.14 -14.47
CA TYR H 86 13.91 -22.71 -14.78
C TYR H 86 14.42 -21.87 -13.62
N THR H 87 15.31 -20.92 -13.96
CA THR H 87 15.69 -19.82 -13.09
C THR H 87 15.51 -18.52 -13.87
N ALA H 88 15.07 -17.46 -13.19
CA ALA H 88 14.80 -16.19 -13.85
C ALA H 88 16.06 -15.39 -14.14
N THR H 89 17.16 -15.70 -13.47
CA THR H 89 18.42 -15.02 -13.74
C THR H 89 19.54 -16.02 -13.49
N ASN H 90 20.69 -15.76 -14.09
CA ASN H 90 21.85 -16.62 -13.88
C ASN H 90 22.40 -16.42 -12.48
N SER I 1 -0.86 1.61 -13.09
CA SER I 1 -1.64 0.38 -13.21
C SER I 1 -1.92 0.10 -14.69
N SER I 2 -1.02 -0.64 -15.33
CA SER I 2 -1.09 -0.77 -16.78
C SER I 2 -2.27 -1.62 -17.22
N VAL I 3 -2.57 -1.53 -18.50
CA VAL I 3 -3.52 -2.46 -19.09
C VAL I 3 -2.91 -3.85 -19.04
N GLN I 4 -3.72 -4.88 -19.23
CA GLN I 4 -3.29 -6.27 -19.19
C GLN I 4 -3.76 -6.94 -20.46
N THR I 5 -2.87 -7.68 -21.12
CA THR I 5 -3.19 -8.24 -22.42
C THR I 5 -2.97 -9.74 -22.43
N ALA I 6 -3.57 -10.35 -23.43
CA ALA I 6 -3.47 -11.77 -23.74
C ALA I 6 -3.54 -11.90 -25.25
N ALA I 7 -2.86 -12.89 -25.80
CA ALA I 7 -2.68 -12.96 -27.24
C ALA I 7 -2.70 -14.42 -27.68
N THR I 8 -3.24 -14.64 -28.88
CA THR I 8 -3.27 -15.95 -29.49
C THR I 8 -3.11 -15.75 -30.98
N SER I 9 -2.69 -16.81 -31.69
CA SER I 9 -2.38 -16.72 -33.10
C SER I 9 -2.61 -18.07 -33.78
N TRP I 10 -2.83 -18.05 -35.10
CA TRP I 10 -3.03 -19.31 -35.82
C TRP I 10 -2.69 -19.18 -37.31
N GLY I 11 -2.23 -20.29 -37.88
CA GLY I 11 -1.84 -20.32 -39.28
C GLY I 11 -0.49 -19.63 -39.53
N THR I 12 -0.16 -19.48 -40.81
CA THR I 12 1.11 -18.87 -41.19
C THR I 12 0.97 -17.46 -41.72
N VAL I 13 -0.24 -16.90 -41.78
CA VAL I 13 -0.38 -15.51 -42.20
C VAL I 13 0.39 -14.62 -41.22
N PRO I 14 0.13 -14.70 -39.89
CA PRO I 14 -0.90 -15.46 -39.18
C PRO I 14 -2.10 -14.57 -38.91
N SER I 15 -3.14 -15.16 -38.38
CA SER I 15 -4.14 -14.38 -37.67
C SER I 15 -3.71 -14.25 -36.22
N ILE I 16 -3.85 -13.04 -35.69
CA ILE I 16 -3.53 -12.72 -34.30
C ILE I 16 -4.77 -12.11 -33.66
N ARG I 17 -5.01 -12.46 -32.42
CA ARG I 17 -6.04 -11.79 -31.63
C ARG I 17 -5.41 -11.35 -30.31
N VAL I 18 -5.53 -10.06 -30.01
CA VAL I 18 -4.99 -9.47 -28.80
C VAL I 18 -6.14 -8.91 -27.98
N TYR I 19 -6.29 -9.42 -26.78
CA TYR I 19 -7.32 -8.95 -25.85
C TYR I 19 -6.67 -8.08 -24.80
N THR I 20 -7.34 -6.97 -24.45
CA THR I 20 -6.84 -5.99 -23.49
C THR I 20 -7.89 -5.71 -22.43
N ALA I 21 -7.53 -5.96 -21.17
CA ALA I 21 -8.32 -5.59 -20.02
C ALA I 21 -7.90 -4.20 -19.56
N ASN I 22 -8.86 -3.28 -19.52
CA ASN I 22 -8.62 -1.87 -19.25
C ASN I 22 -9.81 -1.34 -18.46
N HIS I 23 -9.55 -0.91 -17.23
CA HIS I 23 -10.57 -0.39 -16.30
C HIS I 23 -11.88 -1.18 -16.36
N GLY I 24 -11.75 -2.49 -16.21
CA GLY I 24 -12.91 -3.35 -16.10
C GLY I 24 -13.49 -3.83 -17.41
N LYS I 25 -12.96 -3.42 -18.55
CA LYS I 25 -13.48 -3.84 -19.85
C LYS I 25 -12.41 -4.55 -20.66
N ILE I 26 -12.82 -5.59 -21.38
CA ILE I 26 -11.93 -6.33 -22.27
C ILE I 26 -12.35 -6.08 -23.72
N THR I 27 -11.42 -5.58 -24.51
CA THR I 27 -11.65 -5.40 -25.93
C THR I 27 -10.65 -6.22 -26.74
N GLU I 28 -10.87 -6.29 -28.04
CA GLU I 28 -10.14 -7.22 -28.91
C GLU I 28 -9.67 -6.49 -30.15
N ARG I 29 -8.38 -6.60 -30.44
CA ARG I 29 -7.82 -6.13 -31.71
C ARG I 29 -7.37 -7.34 -32.51
N CYS I 30 -7.62 -7.30 -33.81
CA CYS I 30 -7.46 -8.46 -34.70
C CYS I 30 -6.50 -8.11 -35.82
N TRP I 31 -5.74 -9.12 -36.25
CA TRP I 31 -4.86 -9.01 -37.40
C TRP I 31 -5.06 -10.24 -38.27
N ASP I 32 -5.28 -10.03 -39.58
CA ASP I 32 -5.41 -11.14 -40.52
C ASP I 32 -4.49 -10.97 -41.72
N GLY I 33 -3.34 -10.30 -41.52
CA GLY I 33 -2.37 -10.08 -42.57
C GLY I 33 -2.41 -8.70 -43.20
N LYS I 34 -3.47 -7.91 -42.97
CA LYS I 34 -3.76 -6.74 -43.76
C LYS I 34 -4.12 -5.54 -42.90
N GLY I 35 -3.57 -5.45 -41.69
CA GLY I 35 -3.90 -4.33 -40.83
C GLY I 35 -4.65 -4.75 -39.59
N TRP I 36 -4.52 -3.94 -38.54
CA TRP I 36 -5.17 -4.18 -37.27
C TRP I 36 -6.56 -3.52 -37.28
N TYR I 37 -7.57 -4.27 -36.83
CA TYR I 37 -8.91 -3.75 -36.73
C TYR I 37 -9.52 -4.22 -35.41
N THR I 38 -10.58 -3.55 -34.99
CA THR I 38 -11.24 -3.91 -33.74
C THR I 38 -12.22 -5.05 -33.96
N GLY I 39 -12.11 -6.09 -33.13
CA GLY I 39 -12.92 -7.27 -33.29
C GLY I 39 -14.21 -7.19 -32.50
N ALA I 40 -15.01 -8.24 -32.63
CA ALA I 40 -16.34 -8.25 -32.05
C ALA I 40 -16.35 -8.44 -30.54
N PHE I 41 -15.28 -9.01 -29.96
CA PHE I 41 -15.35 -9.32 -28.53
C PHE I 41 -15.34 -8.06 -27.68
N ASN I 42 -16.24 -8.02 -26.70
CA ASN I 42 -16.35 -6.87 -25.81
C ASN I 42 -17.11 -7.25 -24.54
N GLU I 43 -16.39 -7.55 -23.47
CA GLU I 43 -17.05 -8.01 -22.25
C GLU I 43 -16.35 -7.45 -21.01
N PRO I 44 -16.99 -7.48 -19.84
CA PRO I 44 -16.35 -6.96 -18.63
C PRO I 44 -15.26 -7.86 -18.09
N GLY I 45 -14.28 -7.24 -17.43
CA GLY I 45 -13.23 -7.98 -16.76
C GLY I 45 -12.03 -7.14 -16.42
N ASP I 46 -11.37 -7.50 -15.31
CA ASP I 46 -10.10 -6.92 -14.92
C ASP I 46 -8.90 -7.77 -15.36
N ASN I 47 -9.09 -9.06 -15.64
CA ASN I 47 -8.02 -9.91 -16.09
C ASN I 47 -8.51 -10.77 -17.25
N VAL I 48 -7.61 -11.04 -18.19
CA VAL I 48 -7.95 -11.82 -19.37
C VAL I 48 -6.83 -12.80 -19.68
N SER I 49 -7.21 -14.01 -20.07
CA SER I 49 -6.32 -14.96 -20.73
C SER I 49 -7.08 -15.57 -21.90
N VAL I 50 -6.37 -16.22 -22.81
CA VAL I 50 -6.96 -16.75 -24.03
C VAL I 50 -6.21 -18.00 -24.46
N THR I 51 -6.95 -18.95 -25.02
CA THR I 51 -6.34 -20.05 -25.76
C THR I 51 -7.22 -20.31 -26.97
N SER I 52 -6.61 -20.85 -28.03
CA SER I 52 -7.35 -21.15 -29.25
C SER I 52 -6.78 -22.41 -29.88
N TRP I 53 -7.58 -23.03 -30.77
CA TRP I 53 -7.19 -24.28 -31.44
C TRP I 53 -7.95 -24.43 -32.75
N LEU I 54 -7.31 -25.08 -33.72
CA LEU I 54 -7.92 -25.32 -35.03
C LEU I 54 -8.57 -26.69 -35.10
N VAL I 55 -9.76 -26.75 -35.69
CA VAL I 55 -10.32 -27.97 -36.24
C VAL I 55 -10.21 -27.84 -37.76
N GLY I 56 -9.20 -28.51 -38.34
CA GLY I 56 -8.87 -28.29 -39.73
C GLY I 56 -8.53 -26.84 -40.01
N SER I 57 -9.50 -26.06 -40.49
CA SER I 57 -9.27 -24.66 -40.80
C SER I 57 -10.18 -23.70 -40.04
N ALA I 58 -11.01 -24.20 -39.13
CA ALA I 58 -11.91 -23.37 -38.33
C ALA I 58 -11.28 -23.09 -36.96
N ILE I 59 -11.28 -21.82 -36.55
CA ILE I 59 -10.66 -21.43 -35.30
C ILE I 59 -11.70 -21.51 -34.18
N HIS I 60 -11.26 -21.97 -33.02
CA HIS I 60 -12.07 -21.94 -31.80
C HIS I 60 -11.29 -21.22 -30.71
N ILE I 61 -11.93 -20.24 -30.08
CA ILE I 61 -11.25 -19.37 -29.12
C ILE I 61 -12.00 -19.39 -27.80
N ARG I 62 -11.24 -19.49 -26.71
CA ARG I 62 -11.77 -19.39 -25.35
C ARG I 62 -11.06 -18.26 -24.63
N VAL I 63 -11.85 -17.29 -24.15
CA VAL I 63 -11.38 -16.13 -23.40
C VAL I 63 -11.88 -16.25 -21.97
N TYR I 64 -10.99 -16.09 -21.01
CA TYR I 64 -11.36 -16.21 -19.60
C TYR I 64 -11.21 -14.83 -18.96
N ALA I 65 -12.36 -14.26 -18.58
CA ALA I 65 -12.48 -12.90 -18.06
C ALA I 65 -12.77 -12.98 -16.56
N SER I 66 -11.97 -12.29 -15.77
CA SER I 66 -12.08 -12.37 -14.32
C SER I 66 -12.30 -10.99 -13.73
N THR I 67 -13.24 -10.91 -12.77
CA THR I 67 -13.44 -9.74 -11.94
C THR I 67 -13.66 -10.21 -10.51
N GLY I 68 -12.93 -9.64 -9.56
CA GLY I 68 -12.95 -10.18 -8.21
C GLY I 68 -12.50 -11.64 -8.26
N THR I 69 -13.28 -12.54 -7.65
CA THR I 69 -12.99 -13.97 -7.74
C THR I 69 -13.87 -14.71 -8.73
N THR I 70 -14.48 -14.02 -9.68
CA THR I 70 -15.38 -14.64 -10.65
C THR I 70 -14.73 -14.66 -12.03
N THR I 71 -14.60 -15.84 -12.62
CA THR I 71 -14.08 -15.97 -13.97
C THR I 71 -15.18 -16.48 -14.89
N THR I 72 -15.42 -15.77 -15.98
CA THR I 72 -16.40 -16.15 -16.98
C THR I 72 -15.70 -16.56 -18.25
N GLU I 73 -16.14 -17.68 -18.84
CA GLU I 73 -15.58 -18.18 -20.08
C GLU I 73 -16.43 -17.73 -21.25
N TRP I 74 -15.77 -17.20 -22.28
CA TRP I 74 -16.40 -16.78 -23.51
C TRP I 74 -15.85 -17.63 -24.65
N CYS I 75 -16.73 -18.06 -25.55
CA CYS I 75 -16.40 -19.04 -26.57
C CYS I 75 -16.62 -18.46 -27.96
N TRP I 76 -15.68 -18.71 -28.86
CA TRP I 76 -15.85 -18.42 -30.27
C TRP I 76 -15.66 -19.72 -31.04
N ASP I 77 -16.71 -20.16 -31.73
CA ASP I 77 -16.66 -21.41 -32.46
C ASP I 77 -16.99 -21.21 -33.94
N GLY I 78 -16.90 -19.97 -34.42
CA GLY I 78 -17.12 -19.64 -35.81
C GLY I 78 -18.35 -18.82 -36.09
N ASN I 79 -19.22 -18.59 -35.10
CA ASN I 79 -20.48 -17.86 -35.35
C ASN I 79 -20.93 -17.15 -34.07
N GLY I 80 -20.16 -16.17 -33.63
CA GLY I 80 -20.63 -15.37 -32.51
C GLY I 80 -20.12 -15.88 -31.17
N TRP I 81 -19.95 -14.94 -30.24
CA TRP I 81 -19.41 -15.23 -28.92
C TRP I 81 -20.52 -15.65 -27.97
N THR I 82 -20.39 -16.84 -27.38
CA THR I 82 -21.35 -17.34 -26.41
C THR I 82 -20.67 -17.62 -25.08
N LYS I 83 -21.43 -17.47 -24.00
CA LYS I 83 -20.93 -17.72 -22.65
C LYS I 83 -20.78 -19.22 -22.41
N GLY I 84 -19.68 -19.63 -21.77
CA GLY I 84 -19.31 -21.01 -21.68
C GLY I 84 -19.63 -21.68 -20.34
N ALA I 85 -19.39 -22.99 -20.30
CA ALA I 85 -19.74 -23.80 -19.14
C ALA I 85 -18.75 -23.71 -17.99
N TYR I 86 -17.59 -23.08 -18.19
CA TYR I 86 -16.56 -23.02 -17.15
C TYR I 86 -17.12 -22.50 -15.84
N THR I 87 -16.76 -23.20 -14.76
CA THR I 87 -16.93 -22.72 -13.40
C THR I 87 -15.63 -22.97 -12.65
N ALA I 88 -15.46 -22.26 -11.53
CA ALA I 88 -14.22 -22.39 -10.78
C ALA I 88 -14.24 -23.52 -9.76
N THR I 89 -15.41 -24.01 -9.37
CA THR I 89 -15.54 -25.00 -8.32
C THR I 89 -16.64 -26.01 -8.66
N ASN I 90 -16.35 -27.29 -8.47
CA ASN I 90 -17.38 -28.32 -8.50
C ASN I 90 -18.40 -28.04 -7.40
N SER J 1 4.69 9.00 -2.67
CA SER J 1 3.64 9.91 -2.23
C SER J 1 4.09 11.36 -2.37
N SER J 2 3.38 12.14 -3.19
CA SER J 2 3.80 13.50 -3.46
C SER J 2 3.18 14.46 -2.44
N VAL J 3 3.92 15.51 -2.11
CA VAL J 3 3.46 16.48 -1.13
C VAL J 3 2.28 17.25 -1.72
N GLN J 4 1.56 17.99 -0.88
CA GLN J 4 0.35 18.67 -1.31
C GLN J 4 0.39 20.08 -0.76
N THR J 5 0.09 21.07 -1.61
CA THR J 5 0.27 22.45 -1.21
C THR J 5 -1.03 23.25 -1.33
N ALA J 6 -1.00 24.40 -0.69
CA ALA J 6 -2.08 25.38 -0.75
C ALA J 6 -1.40 26.74 -0.67
N ALA J 7 -1.91 27.72 -1.42
CA ALA J 7 -1.25 29.01 -1.51
C ALA J 7 -2.28 30.14 -1.43
N THR J 8 -1.86 31.27 -0.83
CA THR J 8 -2.67 32.46 -0.78
C THR J 8 -1.78 33.68 -0.97
N SER J 9 -2.38 34.80 -1.37
CA SER J 9 -1.61 36.02 -1.57
C SER J 9 -2.48 37.25 -1.29
N TRP J 10 -1.82 38.38 -0.99
CA TRP J 10 -2.55 39.61 -0.74
C TRP J 10 -1.70 40.84 -1.09
N GLY J 11 -2.39 41.94 -1.36
CA GLY J 11 -1.71 43.18 -1.71
C GLY J 11 -1.24 43.18 -3.16
N THR J 12 -0.28 44.06 -3.44
CA THR J 12 0.24 44.18 -4.79
C THR J 12 1.74 43.98 -4.88
N VAL J 13 2.44 43.82 -3.76
CA VAL J 13 3.87 43.53 -3.78
C VAL J 13 4.12 42.23 -4.56
N PRO J 14 3.47 41.09 -4.24
CA PRO J 14 2.52 40.81 -3.17
C PRO J 14 3.20 40.19 -1.96
N SER J 15 2.37 39.80 -1.00
CA SER J 15 2.72 38.81 -0.01
C SER J 15 2.17 37.46 -0.47
N ILE J 16 2.93 36.39 -0.22
CA ILE J 16 2.55 35.04 -0.58
C ILE J 16 2.86 34.12 0.59
N ARG J 17 1.94 33.18 0.87
CA ARG J 17 2.18 32.11 1.84
C ARG J 17 1.88 30.79 1.15
N VAL J 18 2.79 29.83 1.25
CA VAL J 18 2.59 28.52 0.66
C VAL J 18 2.65 27.48 1.76
N TYR J 19 1.56 26.74 1.93
CA TYR J 19 1.46 25.68 2.92
C TYR J 19 1.67 24.35 2.22
N THR J 20 2.53 23.50 2.80
CA THR J 20 2.85 22.20 2.23
C THR J 20 2.57 21.14 3.27
N ALA J 21 1.64 20.23 2.95
CA ALA J 21 1.43 19.03 3.74
C ALA J 21 2.42 17.98 3.24
N ASN J 22 3.41 17.68 4.08
CA ASN J 22 4.54 16.82 3.72
C ASN J 22 4.56 15.65 4.72
N HIS J 23 3.97 14.52 4.32
CA HIS J 23 4.01 13.28 5.08
C HIS J 23 3.62 13.47 6.54
N GLY J 24 2.46 14.12 6.74
CA GLY J 24 1.87 14.28 8.04
C GLY J 24 2.12 15.62 8.69
N LYS J 25 2.95 16.47 8.10
CA LYS J 25 3.28 17.75 8.71
C LYS J 25 3.09 18.88 7.71
N ILE J 26 2.39 19.93 8.14
CA ILE J 26 2.20 21.11 7.34
C ILE J 26 3.15 22.20 7.83
N THR J 27 3.93 22.77 6.91
CA THR J 27 4.80 23.89 7.18
C THR J 27 4.49 25.00 6.20
N GLU J 28 5.15 26.15 6.39
CA GLU J 28 4.76 27.39 5.72
C GLU J 28 5.99 28.12 5.19
N ARG J 29 5.90 28.59 3.94
CA ARG J 29 6.94 29.42 3.33
C ARG J 29 6.33 30.75 2.92
N CYS J 30 7.09 31.83 3.13
CA CYS J 30 6.55 33.19 3.04
C CYS J 30 7.37 34.04 2.08
N TRP J 31 6.67 34.90 1.35
CA TRP J 31 7.27 35.88 0.47
C TRP J 31 6.61 37.22 0.75
N ASP J 32 7.43 38.24 0.99
CA ASP J 32 6.93 39.59 1.19
C ASP J 32 7.68 40.57 0.31
N GLY J 33 8.12 40.12 -0.87
CA GLY J 33 8.80 40.98 -1.82
C GLY J 33 10.31 40.83 -1.85
N LYS J 34 10.92 40.17 -0.86
CA LYS J 34 12.38 40.24 -0.75
C LYS J 34 12.98 38.89 -0.36
N GLY J 35 12.39 37.79 -0.85
CA GLY J 35 13.01 36.51 -0.58
C GLY J 35 12.14 35.57 0.24
N TRP J 36 12.34 34.27 0.07
CA TRP J 36 11.51 33.27 0.71
C TRP J 36 12.10 32.86 2.06
N TYR J 37 11.23 32.76 3.07
CA TYR J 37 11.66 32.36 4.39
C TYR J 37 10.59 31.46 5.01
N THR J 38 10.99 30.70 6.03
CA THR J 38 10.06 29.80 6.69
C THR J 38 9.17 30.56 7.66
N GLY J 39 7.86 30.33 7.58
CA GLY J 39 6.91 30.96 8.46
C GLY J 39 6.69 30.18 9.75
N ALA J 40 5.86 30.77 10.62
CA ALA J 40 5.65 30.23 11.97
C ALA J 40 4.77 28.97 11.97
N PHE J 41 3.89 28.81 10.98
CA PHE J 41 2.91 27.72 11.02
C PHE J 41 3.56 26.35 10.91
N ASN J 42 3.31 25.48 11.89
CA ASN J 42 3.76 24.08 11.83
C ASN J 42 2.76 23.26 12.65
N GLU J 43 1.93 22.46 11.98
CA GLU J 43 0.87 21.69 12.64
C GLU J 43 0.65 20.42 11.84
N PRO J 44 0.17 19.35 12.48
CA PRO J 44 -0.02 18.09 11.75
C PRO J 44 -1.10 18.19 10.68
N GLY J 45 -0.97 17.31 9.68
CA GLY J 45 -1.95 17.23 8.62
C GLY J 45 -1.46 16.49 7.39
N ASP J 46 -2.37 15.74 6.76
CA ASP J 46 -2.11 15.09 5.49
C ASP J 46 -2.61 15.91 4.31
N ASN J 47 -3.50 16.87 4.55
CA ASN J 47 -4.11 17.67 3.51
C ASN J 47 -4.27 19.10 4.04
N VAL J 48 -4.15 20.09 3.15
CA VAL J 48 -4.24 21.49 3.56
C VAL J 48 -4.96 22.32 2.50
N SER J 49 -5.76 23.28 2.96
CA SER J 49 -6.29 24.33 2.10
C SER J 49 -6.18 25.63 2.88
N VAL J 50 -6.36 26.75 2.18
CA VAL J 50 -6.13 28.05 2.79
C VAL J 50 -7.03 29.08 2.13
N THR J 51 -7.45 30.08 2.91
CA THR J 51 -8.10 31.25 2.35
C THR J 51 -7.65 32.43 3.20
N SER J 52 -7.62 33.61 2.59
CA SER J 52 -7.22 34.80 3.34
C SER J 52 -8.03 35.99 2.87
N TRP J 53 -8.04 37.04 3.69
CA TRP J 53 -8.78 38.25 3.37
C TRP J 53 -8.13 39.39 4.12
N LEU J 54 -8.18 40.58 3.49
CA LEU J 54 -7.63 41.80 4.05
C LEU J 54 -8.70 42.60 4.78
N VAL J 55 -8.31 43.19 5.91
CA VAL J 55 -9.10 44.23 6.56
C VAL J 55 -8.19 45.45 6.65
N GLY J 56 -8.45 46.44 5.79
CA GLY J 56 -7.49 47.51 5.61
C GLY J 56 -6.21 46.93 5.06
N SER J 57 -5.15 46.98 5.86
CA SER J 57 -3.86 46.40 5.52
C SER J 57 -3.53 45.17 6.37
N ALA J 58 -4.46 44.74 7.22
CA ALA J 58 -4.21 43.62 8.11
C ALA J 58 -4.65 42.33 7.41
N ILE J 59 -3.75 41.34 7.35
CA ILE J 59 -4.09 40.07 6.71
C ILE J 59 -4.68 39.12 7.75
N HIS J 60 -5.73 38.41 7.35
CA HIS J 60 -6.33 37.35 8.14
C HIS J 60 -6.31 36.06 7.31
N ILE J 61 -5.76 34.99 7.89
CA ILE J 61 -5.54 33.73 7.17
C ILE J 61 -6.23 32.60 7.93
N ARG J 62 -6.90 31.73 7.17
CA ARG J 62 -7.47 30.49 7.72
C ARG J 62 -6.85 29.32 6.97
N VAL J 63 -6.24 28.41 7.72
CA VAL J 63 -5.66 27.18 7.18
C VAL J 63 -6.50 26.01 7.68
N TYR J 64 -6.90 25.12 6.76
CA TYR J 64 -7.71 23.95 7.07
C TYR J 64 -6.83 22.71 6.89
N ALA J 65 -6.49 22.08 8.02
CA ALA J 65 -5.58 20.96 8.07
C ALA J 65 -6.37 19.70 8.37
N SER J 66 -6.21 18.67 7.52
CA SER J 66 -7.01 17.45 7.64
C SER J 66 -6.11 16.24 7.82
N THR J 67 -6.53 15.39 8.74
CA THR J 67 -5.96 14.08 9.04
C THR J 67 -7.13 13.13 9.21
N GLY J 68 -7.14 12.01 8.46
CA GLY J 68 -8.29 11.11 8.52
C GLY J 68 -9.54 11.82 8.07
N THR J 69 -10.56 11.84 8.94
CA THR J 69 -11.79 12.58 8.67
C THR J 69 -11.90 13.84 9.52
N THR J 70 -10.80 14.27 10.14
CA THR J 70 -10.84 15.38 11.07
C THR J 70 -10.18 16.59 10.42
N THR J 71 -10.89 17.69 10.36
CA THR J 71 -10.36 18.93 9.80
C THR J 71 -10.28 19.96 10.90
N THR J 72 -9.09 20.53 11.10
CA THR J 72 -8.84 21.54 12.11
C THR J 72 -8.55 22.88 11.42
N GLU J 73 -9.28 23.92 11.81
CA GLU J 73 -9.05 25.26 11.30
C GLU J 73 -8.01 25.98 12.15
N TRP J 74 -7.06 26.64 11.49
CA TRP J 74 -6.03 27.45 12.13
C TRP J 74 -6.16 28.89 11.67
N CYS J 75 -5.99 29.84 12.59
CA CYS J 75 -6.31 31.24 12.32
C CYS J 75 -5.10 32.11 12.56
N TRP J 76 -4.78 32.98 11.59
CA TRP J 76 -3.82 34.05 11.79
C TRP J 76 -4.56 35.37 11.69
N ASP J 77 -4.49 36.16 12.76
CA ASP J 77 -5.12 37.47 12.77
C ASP J 77 -4.15 38.55 13.22
N GLY J 78 -2.85 38.32 13.03
CA GLY J 78 -1.82 39.27 13.39
C GLY J 78 -1.04 38.96 14.66
N ASN J 79 -1.49 37.99 15.46
CA ASN J 79 -0.95 37.86 16.81
C ASN J 79 -0.69 36.40 17.18
N GLY J 80 -0.27 35.59 16.23
CA GLY J 80 -0.07 34.19 16.52
C GLY J 80 -1.14 33.31 15.89
N TRP J 81 -0.82 32.04 15.76
CA TRP J 81 -1.79 31.07 15.22
C TRP J 81 -2.63 30.52 16.36
N THR J 82 -3.95 30.52 16.16
CA THR J 82 -4.88 29.94 17.12
C THR J 82 -5.84 29.00 16.41
N LYS J 83 -6.32 28.01 17.15
CA LYS J 83 -7.35 27.09 16.66
C LYS J 83 -8.67 27.82 16.49
N GLY J 84 -9.33 27.62 15.37
CA GLY J 84 -10.60 28.27 15.12
C GLY J 84 -11.81 27.40 15.51
N ALA J 85 -12.99 28.00 15.43
CA ALA J 85 -14.22 27.34 15.83
C ALA J 85 -14.74 26.32 14.80
N TYR J 86 -14.11 26.22 13.62
CA TYR J 86 -14.61 25.31 12.59
C TYR J 86 -14.84 23.90 13.14
N THR J 87 -16.01 23.35 12.80
CA THR J 87 -16.32 21.95 12.94
C THR J 87 -16.97 21.46 11.64
N ALA J 88 -16.86 20.18 11.36
CA ALA J 88 -17.34 19.68 10.08
C ALA J 88 -18.80 19.27 10.13
N THR J 89 -19.34 19.05 11.32
CA THR J 89 -20.73 18.62 11.50
C THR J 89 -21.32 19.35 12.72
N SER K 1 -6.25 6.93 -9.41
CA SER K 1 -6.86 7.98 -8.58
C SER K 1 -7.67 8.96 -9.41
N SER K 2 -8.39 9.84 -8.72
CA SER K 2 -9.04 10.95 -9.38
C SER K 2 -8.03 12.06 -9.66
N VAL K 3 -8.35 12.90 -10.64
CA VAL K 3 -7.48 14.03 -10.95
C VAL K 3 -7.59 15.04 -9.82
N GLN K 4 -6.66 15.99 -9.77
CA GLN K 4 -6.62 16.98 -8.69
C GLN K 4 -6.56 18.35 -9.33
N THR K 5 -7.47 19.24 -8.91
CA THR K 5 -7.53 20.55 -9.52
C THR K 5 -7.26 21.66 -8.50
N ALA K 6 -7.02 22.84 -9.05
CA ALA K 6 -6.81 24.06 -8.32
C ALA K 6 -7.38 25.18 -9.18
N ALA K 7 -7.97 26.19 -8.55
CA ALA K 7 -8.68 27.22 -9.29
C ALA K 7 -8.36 28.59 -8.75
N THR K 8 -8.26 29.57 -9.66
CA THR K 8 -8.19 30.97 -9.27
C THR K 8 -9.04 31.80 -10.23
N SER K 9 -9.29 33.06 -9.87
CA SER K 9 -10.14 33.88 -10.71
C SER K 9 -9.92 35.35 -10.38
N TRP K 10 -10.22 36.22 -11.34
CA TRP K 10 -10.00 37.64 -11.13
C TRP K 10 -11.02 38.47 -11.90
N GLY K 11 -11.21 39.69 -11.43
CA GLY K 11 -12.10 40.63 -12.07
C GLY K 11 -13.56 40.36 -11.77
N THR K 12 -14.43 40.88 -12.64
CA THR K 12 -15.86 40.70 -12.52
C THR K 12 -16.49 39.98 -13.70
N VAL K 13 -15.76 39.83 -14.81
CA VAL K 13 -16.22 39.06 -15.97
C VAL K 13 -16.77 37.72 -15.50
N PRO K 14 -15.98 36.85 -14.81
CA PRO K 14 -14.58 36.98 -14.40
C PRO K 14 -13.67 36.20 -15.34
N SER K 15 -12.38 36.33 -15.10
CA SER K 15 -11.44 35.41 -15.67
C SER K 15 -11.22 34.28 -14.66
N ILE K 16 -11.26 33.04 -15.13
CA ILE K 16 -11.05 31.87 -14.30
C ILE K 16 -9.94 31.04 -14.90
N ARG K 17 -9.04 30.52 -14.05
CA ARG K 17 -8.07 29.53 -14.47
C ARG K 17 -8.20 28.29 -13.59
N VAL K 18 -8.33 27.13 -14.22
CA VAL K 18 -8.46 25.86 -13.52
C VAL K 18 -7.31 24.97 -13.97
N TYR K 19 -6.50 24.54 -13.02
CA TYR K 19 -5.35 23.71 -13.29
C TYR K 19 -5.67 22.28 -12.86
N THR K 20 -5.37 21.32 -13.71
CA THR K 20 -5.60 19.91 -13.43
C THR K 20 -4.29 19.17 -13.45
N ALA K 21 -3.97 18.50 -12.35
CA ALA K 21 -2.87 17.54 -12.32
C ALA K 21 -3.44 16.16 -12.61
N ASN K 22 -2.85 15.49 -13.59
CA ASN K 22 -3.33 14.17 -14.00
C ASN K 22 -2.15 13.38 -14.52
N HIS K 23 -1.81 12.28 -13.85
CA HIS K 23 -0.69 11.42 -14.23
C HIS K 23 0.60 12.22 -14.44
N GLY K 24 0.98 12.99 -13.42
CA GLY K 24 2.23 13.71 -13.46
C GLY K 24 2.24 14.93 -14.34
N LYS K 25 1.14 15.23 -15.03
CA LYS K 25 1.07 16.40 -15.91
C LYS K 25 0.05 17.40 -15.38
N ILE K 26 0.42 18.68 -15.37
CA ILE K 26 -0.52 19.75 -15.04
C ILE K 26 -0.84 20.53 -16.32
N THR K 27 -2.13 20.67 -16.62
CA THR K 27 -2.59 21.50 -17.72
C THR K 27 -3.57 22.53 -17.17
N GLU K 28 -4.02 23.43 -18.05
CA GLU K 28 -4.74 24.62 -17.64
C GLU K 28 -5.91 24.90 -18.56
N ARG K 29 -7.06 25.24 -17.98
CA ARG K 29 -8.24 25.63 -18.73
C ARG K 29 -8.66 27.03 -18.30
N CYS K 30 -9.09 27.84 -19.26
CA CYS K 30 -9.21 29.27 -19.07
C CYS K 30 -10.60 29.74 -19.49
N TRP K 31 -11.15 30.68 -18.72
CA TRP K 31 -12.42 31.32 -19.03
C TRP K 31 -12.23 32.82 -18.92
N ASP K 32 -12.51 33.54 -20.01
CA ASP K 32 -12.48 35.00 -20.01
C ASP K 32 -13.83 35.56 -20.41
N GLY K 33 -14.90 34.80 -20.17
CA GLY K 33 -16.25 35.20 -20.47
C GLY K 33 -16.81 34.69 -21.78
N LYS K 34 -16.02 33.96 -22.58
CA LYS K 34 -16.38 33.68 -23.96
C LYS K 34 -16.25 32.20 -24.31
N GLY K 35 -16.31 31.31 -23.34
CA GLY K 35 -16.07 29.91 -23.56
C GLY K 35 -14.73 29.45 -22.98
N TRP K 36 -14.65 28.15 -22.72
CA TRP K 36 -13.46 27.57 -22.11
C TRP K 36 -12.46 27.17 -23.18
N TYR K 37 -11.19 27.48 -22.93
CA TYR K 37 -10.11 27.08 -23.84
C TYR K 37 -8.89 26.62 -23.06
N THR K 38 -8.00 25.91 -23.76
CA THR K 38 -6.79 25.37 -23.16
C THR K 38 -5.70 26.44 -23.11
N GLY K 39 -5.24 26.76 -21.90
CA GLY K 39 -4.18 27.73 -21.72
C GLY K 39 -2.79 27.18 -22.03
N ALA K 40 -1.81 28.07 -21.92
CA ALA K 40 -0.43 27.73 -22.29
C ALA K 40 0.30 26.94 -21.21
N PHE K 41 -0.17 26.91 -19.96
CA PHE K 41 0.58 26.28 -18.89
C PHE K 41 0.64 24.77 -19.08
N ASN K 42 1.86 24.21 -19.11
CA ASN K 42 2.10 22.77 -19.32
C ASN K 42 3.36 22.39 -18.55
N GLU K 43 3.21 21.86 -17.34
CA GLU K 43 4.37 21.52 -16.53
C GLU K 43 4.12 20.24 -15.73
N PRO K 44 5.19 19.52 -15.38
CA PRO K 44 5.01 18.28 -14.61
C PRO K 44 4.59 18.54 -13.17
N GLY K 45 3.76 17.63 -12.66
CA GLY K 45 3.41 17.64 -11.26
C GLY K 45 2.28 16.69 -10.93
N ASP K 46 2.34 16.06 -9.76
CA ASP K 46 1.23 15.28 -9.24
C ASP K 46 0.24 16.13 -8.45
N ASN K 47 0.65 17.28 -7.98
CA ASN K 47 -0.20 18.10 -7.16
C ASN K 47 0.00 19.54 -7.59
N VAL K 48 -1.07 20.34 -7.50
CA VAL K 48 -1.01 21.73 -7.93
C VAL K 48 -1.81 22.60 -6.96
N SER K 49 -1.29 23.80 -6.67
CA SER K 49 -2.05 24.88 -6.06
C SER K 49 -1.77 26.15 -6.85
N VAL K 50 -2.60 27.16 -6.67
CA VAL K 50 -2.46 28.41 -7.42
C VAL K 50 -2.93 29.59 -6.56
N THR K 51 -2.29 30.74 -6.77
CA THR K 51 -2.78 32.00 -6.25
C THR K 51 -2.49 33.07 -7.29
N SER K 52 -3.31 34.13 -7.29
CA SER K 52 -3.16 35.21 -8.27
C SER K 52 -3.54 36.53 -7.64
N TRP K 53 -3.03 37.62 -8.23
CA TRP K 53 -3.37 38.96 -7.75
C TRP K 53 -3.34 39.93 -8.92
N LEU K 54 -4.14 41.00 -8.79
CA LEU K 54 -4.16 42.09 -9.76
C LEU K 54 -3.28 43.25 -9.29
N VAL K 55 -2.49 43.78 -10.22
CA VAL K 55 -1.93 45.12 -10.10
C VAL K 55 -2.53 45.92 -11.25
N GLY K 56 -3.40 46.87 -10.92
CA GLY K 56 -4.18 47.54 -11.95
C GLY K 56 -5.05 46.56 -12.69
N SER K 57 -4.74 46.31 -13.95
CA SER K 57 -5.44 45.29 -14.72
C SER K 57 -4.54 44.12 -15.09
N ALA K 58 -3.25 44.16 -14.72
CA ALA K 58 -2.33 43.08 -15.01
C ALA K 58 -2.48 41.97 -13.97
N ILE K 59 -2.84 40.79 -14.41
CA ILE K 59 -2.90 39.63 -13.52
C ILE K 59 -1.54 38.97 -13.40
N HIS K 60 -1.25 38.52 -12.19
CA HIS K 60 -0.06 37.75 -11.88
C HIS K 60 -0.50 36.44 -11.24
N ILE K 61 -0.04 35.33 -11.80
CA ILE K 61 -0.38 33.99 -11.34
C ILE K 61 0.87 33.29 -10.85
N ARG K 62 0.72 32.57 -9.74
CA ARG K 62 1.76 31.68 -9.23
C ARG K 62 1.16 30.29 -9.09
N VAL K 63 1.82 29.31 -9.69
CA VAL K 63 1.39 27.92 -9.66
C VAL K 63 2.49 27.12 -8.95
N TYR K 64 2.09 26.31 -7.99
CA TYR K 64 3.00 25.48 -7.21
C TYR K 64 2.77 24.03 -7.63
N ALA K 65 3.72 23.49 -8.37
CA ALA K 65 3.67 22.14 -8.91
C ALA K 65 4.57 21.24 -8.08
N SER K 66 4.05 20.10 -7.63
CA SER K 66 4.78 19.21 -6.75
C SER K 66 4.80 17.79 -7.28
N THR K 67 5.98 17.15 -7.21
CA THR K 67 6.19 15.74 -7.47
C THR K 67 7.14 15.21 -6.39
N GLY K 68 6.74 14.12 -5.75
CA GLY K 68 7.50 13.65 -4.59
C GLY K 68 7.52 14.76 -3.54
N THR K 69 8.72 15.12 -3.09
CA THR K 69 8.89 16.23 -2.15
C THR K 69 9.50 17.46 -2.83
N THR K 70 9.43 17.55 -4.16
CA THR K 70 9.94 18.71 -4.86
C THR K 70 8.79 19.57 -5.37
N THR K 71 8.78 20.83 -4.98
CA THR K 71 7.75 21.77 -5.39
C THR K 71 8.40 22.86 -6.22
N THR K 72 7.87 23.10 -7.40
CA THR K 72 8.37 24.11 -8.30
C THR K 72 7.33 25.21 -8.48
N GLU K 73 7.76 26.46 -8.34
CA GLU K 73 6.90 27.61 -8.58
C GLU K 73 7.05 28.09 -10.01
N TRP K 74 5.91 28.31 -10.67
CA TRP K 74 5.86 28.88 -12.01
C TRP K 74 5.11 30.21 -11.96
N CYS K 75 5.63 31.20 -12.67
CA CYS K 75 5.15 32.57 -12.58
C CYS K 75 4.63 33.01 -13.94
N TRP K 76 3.42 33.57 -13.94
CA TRP K 76 2.89 34.31 -15.08
C TRP K 76 2.86 35.78 -14.71
N ASP K 77 3.58 36.61 -15.47
CA ASP K 77 3.59 38.04 -15.18
C ASP K 77 3.23 38.87 -16.41
N GLY K 78 2.48 38.28 -17.34
CA GLY K 78 1.97 38.98 -18.50
C GLY K 78 2.67 38.66 -19.79
N ASN K 79 3.73 37.85 -19.76
CA ASN K 79 4.56 37.63 -20.96
C ASN K 79 5.29 36.30 -20.85
N GLY K 80 4.56 35.22 -20.65
CA GLY K 80 5.15 33.89 -20.61
C GLY K 80 5.32 33.34 -19.20
N TRP K 81 5.30 32.02 -19.09
CA TRP K 81 5.57 31.34 -17.83
C TRP K 81 7.08 31.22 -17.60
N THR K 82 7.52 31.43 -16.37
CA THR K 82 8.92 31.34 -15.98
C THR K 82 9.04 30.69 -14.60
N LYS K 83 10.15 29.98 -14.39
CA LYS K 83 10.41 29.37 -13.09
C LYS K 83 10.66 30.45 -12.04
N GLY K 84 10.04 30.29 -10.87
CA GLY K 84 10.15 31.25 -9.80
C GLY K 84 11.21 30.91 -8.76
N ALA K 85 11.46 31.87 -7.87
CA ALA K 85 12.49 31.73 -6.85
C ALA K 85 12.10 30.80 -5.71
N TYR K 86 10.84 30.37 -5.64
CA TYR K 86 10.37 29.57 -4.51
C TYR K 86 11.24 28.33 -4.29
N THR K 87 11.59 28.10 -3.03
CA THR K 87 12.15 26.86 -2.57
C THR K 87 11.42 26.45 -1.30
N ALA K 88 11.38 25.14 -1.05
CA ALA K 88 10.70 24.66 0.15
C ALA K 88 11.53 24.87 1.40
N THR K 89 12.85 24.87 1.28
CA THR K 89 13.73 25.00 2.43
C THR K 89 14.76 26.09 2.17
N ASN K 90 15.17 26.76 3.25
CA ASN K 90 16.13 27.85 3.18
C ASN K 90 17.54 27.36 2.84
N SER L 1 -9.28 7.16 3.52
CA SER L 1 -8.09 7.96 3.21
C SER L 1 -8.34 9.34 3.78
N SER L 2 -7.35 10.23 3.78
CA SER L 2 -7.57 11.53 4.40
C SER L 2 -8.48 12.39 3.53
N VAL L 3 -9.47 13.02 4.15
CA VAL L 3 -10.40 13.92 3.46
C VAL L 3 -9.64 15.09 2.86
N GLN L 4 -10.27 15.81 1.95
CA GLN L 4 -9.60 16.85 1.19
C GLN L 4 -10.52 18.06 1.14
N THR L 5 -9.94 19.23 1.36
CA THR L 5 -10.74 20.43 1.48
C THR L 5 -10.31 21.50 0.50
N ALA L 6 -11.24 22.42 0.27
CA ALA L 6 -11.00 23.63 -0.49
C ALA L 6 -11.75 24.75 0.22
N ALA L 7 -11.18 25.96 0.23
CA ALA L 7 -11.82 27.00 0.99
C ALA L 7 -11.85 28.29 0.18
N THR L 8 -12.88 29.09 0.40
CA THR L 8 -12.94 30.43 -0.18
C THR L 8 -13.56 31.38 0.83
N SER L 9 -13.34 32.68 0.63
CA SER L 9 -13.86 33.66 1.56
C SER L 9 -14.08 34.98 0.82
N TRP L 10 -14.90 35.85 1.41
CA TRP L 10 -15.16 37.13 0.77
C TRP L 10 -15.68 38.14 1.79
N GLY L 11 -15.55 39.41 1.44
CA GLY L 11 -16.01 40.45 2.33
C GLY L 11 -15.03 40.62 3.48
N THR L 12 -15.50 41.30 4.52
CA THR L 12 -14.66 41.56 5.68
C THR L 12 -15.21 41.00 6.98
N VAL L 13 -16.43 40.44 6.97
CA VAL L 13 -16.91 39.70 8.15
C VAL L 13 -15.90 38.63 8.57
N PRO L 14 -15.44 37.71 7.71
CA PRO L 14 -15.84 37.48 6.32
C PRO L 14 -16.93 36.44 6.25
N SER L 15 -17.41 36.15 5.05
CA SER L 15 -18.03 34.87 4.80
C SER L 15 -16.96 33.87 4.36
N ILE L 16 -17.08 32.63 4.83
CA ILE L 16 -16.17 31.56 4.44
C ILE L 16 -17.01 30.36 4.04
N ARG L 17 -16.59 29.67 2.98
CA ARG L 17 -17.12 28.37 2.61
C ARG L 17 -15.97 27.37 2.58
N VAL L 18 -16.18 26.23 3.23
CA VAL L 18 -15.21 25.14 3.24
C VAL L 18 -15.87 23.91 2.64
N TYR L 19 -15.30 23.38 1.55
CA TYR L 19 -15.81 22.17 0.91
C TYR L 19 -14.89 21.01 1.27
N THR L 20 -15.50 19.88 1.62
CA THR L 20 -14.76 18.68 2.02
C THR L 20 -15.14 17.51 1.13
N ALA L 21 -14.16 16.92 0.46
CA ALA L 21 -14.35 15.66 -0.23
C ALA L 21 -14.06 14.54 0.76
N ASN L 22 -15.04 13.67 0.99
CA ASN L 22 -14.92 12.60 1.98
C ASN L 22 -15.46 11.32 1.38
N HIS L 23 -14.55 10.42 1.00
CA HIS L 23 -14.88 9.11 0.45
C HIS L 23 -16.04 9.21 -0.55
N GLY L 24 -15.83 10.08 -1.54
CA GLY L 24 -16.70 10.19 -2.69
C GLY L 24 -17.78 11.24 -2.63
N LYS L 25 -17.93 11.95 -1.51
CA LYS L 25 -19.00 12.92 -1.40
C LYS L 25 -18.41 14.27 -0.98
N ILE L 26 -18.84 15.33 -1.63
CA ILE L 26 -18.44 16.69 -1.23
C ILE L 26 -19.59 17.35 -0.48
N THR L 27 -19.28 17.96 0.65
CA THR L 27 -20.21 18.75 1.41
C THR L 27 -19.58 20.11 1.73
N GLU L 28 -20.37 20.97 2.37
CA GLU L 28 -20.04 22.37 2.48
C GLU L 28 -20.38 22.89 3.87
N ARG L 29 -19.41 23.52 4.53
CA ARG L 29 -19.64 24.22 5.78
C ARG L 29 -19.47 25.72 5.55
N CYS L 30 -20.28 26.51 6.25
CA CYS L 30 -20.41 27.94 6.00
C CYS L 30 -20.23 28.73 7.28
N TRP L 31 -19.60 29.89 7.15
CA TRP L 31 -19.45 30.86 8.23
C TRP L 31 -19.81 32.22 7.69
N ASP L 32 -20.68 32.93 8.40
CA ASP L 32 -21.07 34.27 8.01
C ASP L 32 -20.94 35.22 9.19
N GLY L 33 -20.02 34.94 10.11
CA GLY L 33 -19.76 35.80 11.25
C GLY L 33 -20.36 35.34 12.56
N LYS L 34 -21.25 34.36 12.54
CA LYS L 34 -22.00 34.01 13.73
C LYS L 34 -21.91 32.53 14.14
N GLY L 35 -21.19 31.71 13.40
CA GLY L 35 -21.10 30.29 13.69
C GLY L 35 -21.17 29.47 12.41
N TRP L 36 -20.66 28.24 12.49
CA TRP L 36 -20.58 27.37 11.33
C TRP L 36 -21.89 26.60 11.14
N TYR L 37 -22.31 26.46 9.88
CA TYR L 37 -23.52 25.70 9.57
C TYR L 37 -23.32 24.98 8.23
N THR L 38 -24.14 23.96 8.02
CA THR L 38 -24.05 23.13 6.82
C THR L 38 -24.74 23.82 5.65
N GLY L 39 -24.05 23.89 4.52
CA GLY L 39 -24.59 24.54 3.35
C GLY L 39 -25.30 23.56 2.41
N ALA L 40 -25.89 24.12 1.35
CA ALA L 40 -26.69 23.32 0.42
C ALA L 40 -25.84 22.41 -0.45
N PHE L 41 -24.60 22.80 -0.73
CA PHE L 41 -23.82 22.09 -1.72
C PHE L 41 -23.58 20.65 -1.30
N ASN L 42 -23.90 19.72 -2.19
CA ASN L 42 -23.81 18.31 -1.83
C ASN L 42 -23.81 17.52 -3.14
N GLU L 43 -22.63 17.17 -3.63
CA GLU L 43 -22.45 16.48 -4.89
C GLU L 43 -21.34 15.45 -4.76
N PRO L 44 -21.31 14.45 -5.65
CA PRO L 44 -20.23 13.45 -5.58
C PRO L 44 -18.90 14.01 -6.05
N GLY L 45 -17.83 13.41 -5.55
CA GLY L 45 -16.50 13.86 -5.90
C GLY L 45 -15.44 13.32 -4.97
N ASP L 46 -14.26 13.05 -5.51
CA ASP L 46 -13.11 12.66 -4.71
C ASP L 46 -12.11 13.79 -4.53
N ASN L 47 -12.25 14.87 -5.30
CA ASN L 47 -11.35 16.03 -5.24
C ASN L 47 -12.17 17.28 -5.46
N VAL L 48 -11.83 18.37 -4.77
CA VAL L 48 -12.58 19.61 -4.87
C VAL L 48 -11.62 20.80 -4.85
N SER L 49 -11.88 21.79 -5.69
CA SER L 49 -11.25 23.09 -5.61
C SER L 49 -12.35 24.12 -5.78
N VAL L 50 -12.05 25.38 -5.48
CA VAL L 50 -13.08 26.40 -5.46
C VAL L 50 -12.45 27.77 -5.73
N THR L 51 -13.22 28.64 -6.37
CA THR L 51 -12.86 30.05 -6.46
C THR L 51 -14.18 30.83 -6.41
N SER L 52 -14.10 32.10 -5.99
CA SER L 52 -15.32 32.89 -5.90
C SER L 52 -14.98 34.36 -6.16
N TRP L 53 -16.02 35.15 -6.45
CA TRP L 53 -15.83 36.57 -6.69
C TRP L 53 -17.11 37.34 -6.37
N LEU L 54 -16.94 38.62 -6.04
CA LEU L 54 -18.01 39.50 -5.57
C LEU L 54 -18.46 40.44 -6.69
N VAL L 55 -19.76 40.45 -6.98
CA VAL L 55 -20.36 41.45 -7.85
C VAL L 55 -21.04 42.45 -6.92
N GLY L 56 -20.40 43.61 -6.74
CA GLY L 56 -20.81 44.52 -5.68
C GLY L 56 -20.81 43.84 -4.33
N SER L 57 -21.97 43.31 -3.94
CA SER L 57 -22.10 42.54 -2.71
C SER L 57 -22.64 41.14 -2.93
N ALA L 58 -22.88 40.75 -4.18
CA ALA L 58 -23.40 39.42 -4.50
C ALA L 58 -22.25 38.46 -4.79
N ILE L 59 -22.30 37.27 -4.17
CA ILE L 59 -21.20 36.31 -4.27
C ILE L 59 -21.46 35.35 -5.41
N HIS L 60 -20.40 35.03 -6.14
CA HIS L 60 -20.42 34.00 -7.17
C HIS L 60 -19.35 32.98 -6.84
N ILE L 61 -19.73 31.70 -6.78
CA ILE L 61 -18.85 30.61 -6.39
C ILE L 61 -18.81 29.60 -7.53
N ARG L 62 -17.62 29.08 -7.81
CA ARG L 62 -17.44 27.98 -8.74
C ARG L 62 -16.68 26.86 -8.03
N VAL L 63 -17.31 25.70 -7.91
CA VAL L 63 -16.74 24.51 -7.29
C VAL L 63 -16.42 23.52 -8.40
N TYR L 64 -15.19 23.00 -8.40
CA TYR L 64 -14.77 22.00 -9.37
C TYR L 64 -14.64 20.66 -8.66
N ALA L 65 -15.55 19.75 -8.99
CA ALA L 65 -15.68 18.43 -8.37
C ALA L 65 -15.20 17.38 -9.36
N SER L 66 -14.19 16.60 -8.96
CA SER L 66 -13.57 15.64 -9.85
C SER L 66 -13.74 14.22 -9.35
N THR L 67 -14.13 13.32 -10.27
CA THR L 67 -14.15 11.87 -10.05
C THR L 67 -13.50 11.20 -11.25
N GLY L 68 -12.47 10.38 -11.00
CA GLY L 68 -11.80 9.67 -12.08
C GLY L 68 -11.00 10.57 -13.01
N THR L 69 -11.59 10.93 -14.17
CA THR L 69 -11.04 11.98 -15.02
C THR L 69 -12.07 13.06 -15.30
N THR L 70 -13.24 13.01 -14.68
CA THR L 70 -14.33 13.93 -14.97
C THR L 70 -14.37 15.01 -13.91
N THR L 71 -14.28 16.26 -14.34
CA THR L 71 -14.42 17.42 -13.48
C THR L 71 -15.70 18.14 -13.85
N THR L 72 -16.59 18.29 -12.86
CA THR L 72 -17.84 19.00 -13.05
C THR L 72 -17.77 20.32 -12.31
N GLU L 73 -18.10 21.40 -13.00
CA GLU L 73 -18.17 22.71 -12.40
C GLU L 73 -19.59 22.98 -11.89
N TRP L 74 -19.70 23.42 -10.65
CA TRP L 74 -20.96 23.82 -10.05
C TRP L 74 -20.91 25.30 -9.75
N CYS L 75 -22.00 26.01 -10.02
CA CYS L 75 -22.03 27.47 -9.92
C CYS L 75 -23.05 27.91 -8.89
N TRP L 76 -22.63 28.79 -7.98
CA TRP L 76 -23.56 29.49 -7.11
C TRP L 76 -23.58 30.95 -7.53
N ASP L 77 -24.77 31.44 -7.88
CA ASP L 77 -24.92 32.81 -8.32
C ASP L 77 -26.04 33.52 -7.57
N GLY L 78 -26.53 32.93 -6.48
CA GLY L 78 -27.54 33.54 -5.65
C GLY L 78 -28.82 32.73 -5.52
N ASN L 79 -29.09 31.82 -6.45
CA ASN L 79 -30.38 31.16 -6.54
C ASN L 79 -30.22 29.66 -6.83
N GLY L 80 -29.30 29.01 -6.14
CA GLY L 80 -29.15 27.57 -6.26
C GLY L 80 -27.86 27.19 -6.94
N TRP L 81 -27.55 25.90 -6.83
CA TRP L 81 -26.34 25.34 -7.45
C TRP L 81 -26.72 24.77 -8.82
N THR L 82 -26.08 25.27 -9.86
CA THR L 82 -26.36 24.86 -11.23
C THR L 82 -25.07 24.41 -11.89
N LYS L 83 -25.15 23.29 -12.63
CA LYS L 83 -24.01 22.80 -13.39
C LYS L 83 -23.48 23.89 -14.32
N GLY L 84 -22.15 23.97 -14.43
CA GLY L 84 -21.49 24.99 -15.21
C GLY L 84 -21.02 24.50 -16.58
N ALA L 85 -20.59 25.45 -17.40
CA ALA L 85 -20.18 25.13 -18.76
C ALA L 85 -18.76 24.56 -18.84
N TYR L 86 -18.00 24.57 -17.75
CA TYR L 86 -16.64 24.06 -17.78
C TYR L 86 -16.58 22.67 -18.40
N THR L 87 -15.60 22.48 -19.29
CA THR L 87 -15.22 21.15 -19.75
C THR L 87 -13.70 21.05 -19.75
N ALA L 88 -13.21 19.82 -19.69
CA ALA L 88 -11.77 19.57 -19.72
C ALA L 88 -11.29 19.42 -21.15
C1 BDF M . -15.80 -29.66 16.26
C2 BDF M . -16.97 -29.19 15.39
C3 BDF M . -16.46 -28.41 14.17
C4 BDF M . -17.63 -27.78 13.41
C5 BDF M . -18.43 -26.89 14.35
C6 BDF M . -18.87 -27.70 15.56
O1 BDF M . -16.25 -30.47 17.35
O2 BDF M . -17.74 -30.27 14.94
O3 BDF M . -15.68 -29.27 13.33
O4 BDF M . -17.20 -27.04 12.27
O5 BDF M . -17.63 -25.78 14.77
O6 BDF M . -17.75 -28.33 16.22
C1 BDF N . -5.33 -21.74 29.09
C2 BDF N . -5.96 -22.40 27.87
C3 BDF N . -5.29 -21.91 26.57
C4 BDF N . -6.04 -22.45 25.35
C5 BDF N . -7.50 -22.02 25.43
C6 BDF N . -8.09 -22.50 26.74
O1 BDF N . -5.75 -22.38 30.29
O2 BDF N . -5.81 -23.80 27.92
O3 BDF N . -3.92 -22.30 26.55
O4 BDF N . -5.45 -21.99 24.15
O5 BDF N . -7.61 -20.59 25.40
O6 BDF N . -7.34 -22.03 27.87
ZN ZN O . 2.59 -3.34 9.73
C1 BDF P . -10.06 -4.46 35.35
C2 BDF P . -9.43 -5.79 34.93
C3 BDF P . -8.45 -5.56 33.77
C4 BDF P . -7.95 -6.90 33.24
C5 BDF P . -9.13 -7.76 32.82
C6 BDF P . -10.08 -7.91 34.00
O1 BDF P . -10.78 -4.60 36.57
O2 BDF P . -8.74 -6.38 35.99
O3 BDF P . -7.36 -4.79 34.24
O4 BDF P . -7.04 -6.66 32.15
O5 BDF P . -9.85 -7.14 31.75
O6 BDF P . -10.50 -6.62 34.49
C1 BDF Q . -24.39 4.79 28.03
C2 BDF Q . -23.07 4.26 28.56
C3 BDF Q . -21.92 4.61 27.59
C4 BDF Q . -20.64 3.95 28.07
C5 BDF Q . -20.84 2.45 28.17
C6 BDF Q . -22.02 2.16 29.09
O1 BDF Q . -25.44 4.62 28.99
O2 BDF Q . -22.76 4.80 29.81
O3 BDF Q . -21.76 6.02 27.53
O4 BDF Q . -19.58 4.29 27.17
O5 BDF Q . -21.10 1.86 26.89
O6 BDF Q . -23.21 2.84 28.65
ZN ZN R . -10.80 5.56 3.92
C1 BDF S . -34.95 -3.85 14.99
C2 BDF S . -34.32 -2.83 15.93
C3 BDF S . -33.28 -1.97 15.19
C4 BDF S . -32.47 -1.12 16.16
C5 BDF S . -31.82 -2.03 17.18
C6 BDF S . -32.91 -2.81 17.89
O1 BDF S . -35.75 -4.79 15.69
O2 BDF S . -35.29 -1.97 16.48
O3 BDF S . -33.91 -1.14 14.22
O4 BDF S . -31.49 -0.37 15.43
O5 BDF S . -30.99 -2.97 16.49
O6 BDF S . -33.68 -3.59 16.96
C1 BDF T . -30.80 -20.54 8.72
C2 BDF T . -31.11 -19.05 8.87
C3 BDF T . -30.28 -18.18 7.92
C4 BDF T . -30.48 -16.71 8.24
C5 BDF T . -30.13 -16.47 9.70
C6 BDF T . -30.99 -17.35 10.57
O1 BDF T . -31.70 -21.32 9.50
O2 BDF T . -32.47 -18.81 8.61
O3 BDF T . -30.62 -18.44 6.56
O4 BDF T . -29.69 -15.90 7.38
O5 BDF T . -28.77 -16.86 9.93
O6 BDF T . -30.80 -18.73 10.22
C1 BDF U . 32.98 -16.46 1.02
C2 BDF U . 32.26 -16.62 2.36
C3 BDF U . 30.74 -16.50 2.17
C4 BDF U . 30.04 -16.47 3.53
C5 BDF U . 30.60 -15.30 4.34
C6 BDF U . 32.10 -15.48 4.48
O1 BDF U . 34.37 -16.76 1.11
O2 BDF U . 32.56 -17.86 2.95
O3 BDF U . 30.27 -17.57 1.35
O4 BDF U . 28.63 -16.33 3.37
O5 BDF U . 30.34 -14.08 3.66
O6 BDF U . 32.73 -15.56 3.20
C1 BDF V . 27.32 -16.44 18.50
C2 BDF V . 26.76 -15.39 19.45
C3 BDF V . 25.28 -15.08 19.17
C4 BDF V . 24.83 -13.86 19.99
C5 BDF V . 25.75 -12.68 19.70
C6 BDF V . 27.17 -13.09 20.02
O1 BDF V . 28.72 -16.56 18.66
O2 BDF V . 26.84 -15.82 20.79
O3 BDF V . 24.48 -16.21 19.47
O4 BDF V . 23.48 -13.50 19.71
O5 BDF V . 25.71 -12.32 18.32
O6 BDF V . 27.55 -14.23 19.24
ZN ZN W . 8.74 -4.23 -5.57
C1 BDF X . 33.36 16.38 1.52
C2 BDF X . 33.51 15.18 0.59
C3 BDF X . 32.16 14.83 -0.07
C4 BDF X . 32.25 13.49 -0.82
C5 BDF X . 32.77 12.40 0.11
C6 BDF X . 34.10 12.85 0.70
O1 BDF X . 34.59 16.74 2.12
O2 BDF X . 34.43 15.43 -0.42
O3 BDF X . 31.79 15.90 -0.95
O4 BDF X . 30.98 13.13 -1.37
O5 BDF X . 31.85 12.19 1.18
O6 BDF X . 33.94 14.09 1.41
C1 BDF Y . 36.61 0.28 -7.06
C2 BDF Y . 36.31 -1.19 -6.79
C3 BDF Y . 34.86 -1.54 -7.19
C4 BDF Y . 34.47 -2.93 -6.67
C5 BDF Y . 34.70 -3.00 -5.17
C6 BDF Y . 36.16 -2.68 -4.89
O1 BDF Y . 37.97 0.59 -6.77
O2 BDF Y . 37.16 -2.04 -7.50
O3 BDF Y . 34.75 -1.51 -8.61
O4 BDF Y . 33.12 -3.22 -7.00
O5 BDF Y . 33.91 -2.00 -4.52
O6 BDF Y . 36.49 -1.37 -5.38
C1 BDF Z . 27.13 15.62 19.51
C2 BDF Z . 27.58 16.04 18.12
C3 BDF Z . 26.36 16.17 17.19
C4 BDF Z . 26.80 16.32 15.72
C5 BDF Z . 27.76 15.20 15.33
C6 BDF Z . 28.92 15.19 16.31
O1 BDF Z . 28.21 15.54 20.43
O2 BDF Z . 28.25 17.27 18.15
O3 BDF Z . 25.58 17.28 17.60
O4 BDF Z . 25.67 16.34 14.87
O5 BDF Z . 27.11 13.93 15.42
O6 BDF Z . 28.45 15.01 17.66
C1 BDF AA . 23.91 -0.32 27.91
C2 BDF AA . 23.89 1.05 27.24
C3 BDF AA . 22.57 1.31 26.50
C4 BDF AA . 22.66 2.63 25.75
C5 BDF AA . 23.82 2.59 24.77
C6 BDF AA . 25.11 2.26 25.53
O1 BDF AA . 24.86 -0.35 28.95
O2 BDF AA . 24.06 2.09 28.17
O3 BDF AA . 21.49 1.29 27.41
O4 BDF AA . 21.44 2.92 25.07
O5 BDF AA . 23.60 1.59 23.78
O6 BDF AA . 24.98 1.05 26.30
C1 BDF BA . 18.18 -17.06 -28.75
C2 BDF BA . 17.26 -16.01 -29.37
C3 BDF BA . 16.91 -14.91 -28.35
C4 BDF BA . 15.87 -13.96 -28.97
C5 BDF BA . 14.65 -14.74 -29.43
C6 BDF BA . 15.10 -15.84 -30.39
O1 BDF BA . 18.54 -18.02 -29.74
O2 BDF BA . 17.85 -15.39 -30.48
O3 BDF BA . 18.06 -14.18 -27.97
O4 BDF BA . 15.60 -12.91 -28.06
O5 BDF BA . 14.00 -15.40 -28.35
O6 BDF BA . 16.08 -16.69 -29.78
C1 BDF CA . 5.59 -7.70 -38.87
C2 BDF CA . 4.07 -7.69 -38.78
C3 BDF CA . 3.59 -6.77 -37.66
C4 BDF CA . 2.08 -6.92 -37.45
C5 BDF CA . 1.74 -8.37 -37.18
C6 BDF CA . 2.28 -9.23 -38.31
O1 BDF CA . 6.05 -8.70 -39.78
O2 BDF CA . 3.51 -7.27 -40.00
O3 BDF CA . 3.90 -5.41 -37.95
O4 BDF CA . 1.66 -6.10 -36.35
O5 BDF CA . 2.29 -8.80 -35.94
O6 BDF CA . 3.69 -9.03 -38.49
C1 BDF DA . 11.65 -31.07 -17.31
C2 BDF DA . 12.43 -29.97 -18.04
C3 BDF DA . 12.59 -28.71 -17.16
C4 BDF DA . 13.17 -27.56 -17.99
C5 BDF DA . 12.30 -27.31 -19.21
C6 BDF DA . 12.22 -28.61 -20.00
O1 BDF DA . 11.68 -32.30 -18.04
O2 BDF DA . 13.69 -30.42 -18.42
O3 BDF DA . 13.44 -28.97 -16.07
O4 BDF DA . 13.25 -26.36 -17.20
O5 BDF DA . 10.99 -26.92 -18.81
O6 BDF DA . 11.66 -29.66 -19.19
C1 GOL EA . -4.53 -33.39 -13.81
O1 GOL EA . -5.20 -33.19 -12.59
C2 GOL EA . -3.70 -32.09 -14.13
O2 GOL EA . -2.80 -31.69 -13.15
C3 GOL EA . -3.06 -32.25 -15.51
O3 GOL EA . -3.42 -31.06 -16.17
ZN ZN FA . -8.33 -9.11 -4.01
C1 BDF GA . -13.07 -11.08 -37.05
C2 BDF GA . -13.66 -11.93 -35.93
C3 BDF GA . -13.79 -11.13 -34.63
C4 BDF GA . -14.22 -12.05 -33.49
C5 BDF GA . -13.23 -13.21 -33.36
C6 BDF GA . -13.11 -13.92 -34.69
O1 BDF GA . -12.94 -11.84 -38.25
O2 BDF GA . -14.93 -12.41 -36.27
O3 BDF GA . -14.73 -10.07 -34.77
O4 BDF GA . -14.32 -11.34 -32.27
O5 BDF GA . -11.93 -12.73 -33.00
O6 BDF GA . -12.76 -13.00 -35.74
C1 BDF HA . -18.40 -24.77 -25.99
C2 BDF HA . -17.75 -25.57 -24.87
C3 BDF HA . -17.73 -24.78 -23.56
C4 BDF HA . -16.86 -25.48 -22.52
C5 BDF HA . -15.46 -25.70 -23.07
C6 BDF HA . -15.58 -26.51 -24.35
O1 BDF HA . -18.40 -25.49 -27.21
O2 BDF HA . -18.43 -26.78 -24.66
O3 BDF HA . -19.04 -24.60 -23.06
O4 BDF HA . -16.82 -24.73 -21.30
O5 BDF HA . -14.84 -24.46 -23.38
O6 BDF HA . -16.41 -25.84 -25.32
ZN ZN IA . -5.58 3.42 -16.68
C1 BDF JA . -11.59 33.61 14.71
C2 BDF JA . -12.82 33.13 13.95
C3 BDF JA . -12.84 31.60 13.84
C4 BDF JA . -14.00 31.17 12.93
C5 BDF JA . -13.85 31.82 11.57
C6 BDF JA . -13.77 33.34 11.74
O1 BDF JA . -11.52 35.03 14.72
O2 BDF JA . -14.00 33.55 14.58
O3 BDF JA . -12.97 31.00 15.13
O4 BDF JA . -14.05 29.75 12.81
O5 BDF JA . -12.67 31.35 10.90
O6 BDF JA . -12.73 33.71 12.65
C1 BDF KA . 5.80 36.05 8.55
C2 BDF KA . 4.54 35.67 9.32
C3 BDF KA . 4.42 34.14 9.41
C4 BDF KA . 3.04 33.73 9.92
C5 BDF KA . 1.97 34.34 9.05
C6 BDF KA . 2.14 35.85 9.03
O1 BDF KA . 6.06 37.44 8.62
O2 BDF KA . 4.55 36.21 10.61
O3 BDF KA . 5.43 33.62 10.28
O4 BDF KA . 2.94 32.31 9.93
O5 BDF KA . 2.08 33.84 7.71
O6 BDF KA . 3.46 36.21 8.56
ZN ZN LA . 5.82 10.05 -0.31
C01 80M MA . -1.70 5.12 -14.99
C02 80M MA . -1.49 5.50 -13.67
C03 80M MA . -2.46 5.28 -12.70
C04 80M MA . -3.65 4.67 -13.05
C05 80M MA . -3.90 4.26 -14.37
C06 80M MA . -2.89 4.49 -15.35
C08 80M MA . -3.62 5.43 -17.94
C09 80M MA . -2.63 6.35 -18.27
C10 80M MA . -2.95 7.49 -18.98
C11 80M MA . -4.25 7.74 -19.36
C12 80M MA . -5.26 6.84 -19.03
C13 80M MA . -4.96 5.67 -18.31
C16 80M MA . -8.14 6.94 -18.24
C17 80M MA . -7.89 7.34 -16.92
C18 80M MA . -8.88 7.10 -15.94
C19 80M MA . -10.09 6.50 -16.29
C20 80M MA . -10.31 6.12 -17.60
C21 80M MA . -9.35 6.34 -18.57
C27 80M MA . -8.19 6.15 -13.29
C28 80M MA . -6.84 5.91 -12.97
C29 80M MA . -6.52 4.77 -12.20
C30 80M MA . -7.53 3.93 -11.75
C31 80M MA . -8.84 4.19 -12.06
C32 80M MA . -9.18 5.30 -12.82
O14 80M MA . -5.92 4.75 -18.01
O23 80M MA . -11.69 4.79 -19.37
O24 80M MA . -12.84 6.43 -18.04
O25 80M MA . -12.10 4.35 -17.02
O34 80M MA . -10.97 3.91 -10.58
O35 80M MA . -9.44 2.05 -10.71
O36 80M MA . -10.84 2.65 -12.65
O38 80M MA . -5.86 6.75 -13.41
O39 80M MA . -6.71 7.94 -16.58
O41 80M MA . -1.26 8.30 -20.74
O42 80M MA . -0.64 8.49 -18.39
O43 80M MA . -2.28 9.98 -19.35
O44 80M MA . -5.05 3.64 -14.72
O46 80M MA . 1.09 5.64 -13.97
O47 80M MA . 0.18 6.05 -11.78
O48 80M MA . -0.11 7.69 -13.56
S07 80M MA . -3.16 3.98 -17.03
S15 80M MA . -6.93 7.21 -19.53
S22 80M MA . -11.86 5.36 -18.03
S26 80M MA . -8.65 7.57 -14.24
S33 80M MA . -10.12 3.11 -11.48
S37 80M MA . -4.84 4.40 -11.75
S40 80M MA . -1.66 8.64 -19.39
S45 80M MA . 0.02 6.30 -13.20
C1 BDF NA . 8.89 36.56 -9.86
C2 BDF NA . 8.89 36.44 -8.33
C3 BDF NA . 9.24 35.00 -7.89
C4 BDF NA . 9.05 34.86 -6.38
C5 BDF NA . 7.64 35.28 -5.98
C6 BDF NA . 7.37 36.68 -6.49
O1 BDF NA . 8.44 37.83 -10.29
O2 BDF NA . 9.83 37.31 -7.76
O3 BDF NA . 10.57 34.67 -8.26
O4 BDF NA . 9.29 33.51 -6.02
O5 BDF NA . 6.68 34.38 -6.56
O6 BDF NA . 7.58 36.77 -7.91
C1 BDF OA . -4.58 33.47 -21.49
C2 BDF OA . -3.31 33.18 -20.72
C3 BDF OA . -3.09 31.68 -20.50
C4 BDF OA . -1.91 31.46 -19.57
C5 BDF OA . -2.14 32.20 -18.26
C6 BDF OA . -2.36 33.67 -18.56
O1 BDF OA . -4.78 34.87 -21.65
O2 BDF OA . -2.18 33.67 -21.40
O3 BDF OA . -2.83 31.03 -21.74
O4 BDF OA . -1.74 30.07 -19.35
O5 BDF OA . -3.30 31.72 -17.60
O6 BDF OA . -3.46 33.84 -19.46
ZN ZN PA . -6.26 8.13 -14.77
C1 BDF QA . -22.32 30.67 -15.44
C2 BDF QA . -21.21 30.50 -16.47
C3 BDF QA . -20.51 29.14 -16.34
C4 BDF QA . -19.07 29.26 -16.83
C5 BDF QA . -18.28 30.16 -15.88
C6 BDF QA . -19.22 31.20 -15.29
O1 BDF QA . -22.70 32.03 -15.32
O2 BDF QA . -21.69 30.60 -17.78
O3 BDF QA . -21.23 28.13 -17.05
O4 BDF QA . -18.47 27.97 -16.94
O5 BDF QA . -17.74 29.40 -14.81
O6 BDF QA . -20.27 31.55 -16.20
C1 BDF RA . -25.80 29.57 2.77
C2 BDF RA . -25.67 29.27 1.29
C3 BDF RA . -25.20 27.83 1.02
C4 BDF RA . -24.89 27.67 -0.47
C5 BDF RA . -23.86 28.70 -0.90
C6 BDF RA . -24.40 30.08 -0.59
O1 BDF RA . -26.18 30.92 2.99
O2 BDF RA . -26.88 29.44 0.62
O3 BDF RA . -26.21 26.90 1.41
O4 BDF RA . -24.42 26.35 -0.74
O5 BDF RA . -22.63 28.54 -0.19
O6 BDF RA . -24.69 30.19 0.80
#